data_4TKY
#
_entry.id   4TKY
#
_cell.length_a   59.959
_cell.length_b   62.533
_cell.length_c   67.260
_cell.angle_alpha   99.55
_cell.angle_beta   103.80
_cell.angle_gamma   114.00
#
_symmetry.space_group_name_H-M   'P 1'
#
loop_
_entity.id
_entity.type
_entity.pdbx_description
1 polymer 'Thiol:disulfide interchange protein DsbA'
2 polymer PRO-PHE-ALA-THR-CYS-ASP-SER
3 water water
#
loop_
_entity_poly.entity_id
_entity_poly.type
_entity_poly.pdbx_seq_one_letter_code
_entity_poly.pdbx_strand_id
1 'polypeptide(L)'
;SNAQYEDGKQYTTLEKPVAGAPQVLEFFSFFCPHAYQFEEVLHISDNVKKKLPEGVKMTKYHVNFMGGDLGKDLTQAWAV
AMALGVEDKVTVPLFEGVQKTQTIRSASDIRDVFINAGIKGEEYDAAWNSFVVKSLVAQQEKAAADVQLRGVPAMFVNGK
YQLNPQGMDTSNMDVFVQQYADTVKYLSEKK
;
A,B,C,D
2 'polypeptide(L)' (ACE)PFATCDS(NH2) F,E,G,H
#
# COMPACT_ATOMS: atom_id res chain seq x y z
N ALA A 3 -8.63 8.40 27.75
CA ALA A 3 -7.29 8.12 28.24
C ALA A 3 -6.23 8.50 27.21
N GLN A 4 -6.52 9.57 26.46
CA GLN A 4 -5.65 10.11 25.40
C GLN A 4 -5.38 9.15 24.23
N TYR A 5 -5.23 7.86 24.51
CA TYR A 5 -5.09 6.85 23.47
C TYR A 5 -6.18 5.79 23.60
N GLU A 6 -7.13 5.78 22.68
CA GLU A 6 -8.21 4.83 22.75
C GLU A 6 -8.23 3.94 21.53
N ASP A 7 -8.49 2.65 21.74
CA ASP A 7 -8.66 1.72 20.65
C ASP A 7 -9.83 2.19 19.79
N GLY A 8 -9.66 2.15 18.47
CA GLY A 8 -10.70 2.60 17.56
C GLY A 8 -10.63 4.08 17.24
N LYS A 9 -9.68 4.79 17.87
CA LYS A 9 -9.50 6.22 17.60
C LYS A 9 -8.16 6.53 16.94
N GLN A 10 -7.11 6.65 17.74
CA GLN A 10 -5.78 6.92 17.19
C GLN A 10 -5.20 5.68 16.52
N TYR A 11 -5.74 4.52 16.84
CA TYR A 11 -5.28 3.27 16.26
C TYR A 11 -6.38 2.23 16.28
N THR A 12 -6.19 1.13 15.55
CA THR A 12 -7.10 -0.01 15.66
C THR A 12 -6.29 -1.25 16.03
N THR A 13 -6.99 -2.29 16.47
CA THR A 13 -6.36 -3.52 16.91
C THR A 13 -6.66 -4.63 15.91
N LEU A 14 -5.61 -5.22 15.37
CA LEU A 14 -5.78 -6.28 14.39
C LEU A 14 -6.51 -7.48 14.97
N GLU A 15 -7.42 -8.05 14.18
CA GLU A 15 -8.23 -9.16 14.64
C GLU A 15 -7.38 -10.42 14.80
N LYS A 16 -6.44 -10.62 13.87
CA LYS A 16 -5.45 -11.67 14.01
C LYS A 16 -4.04 -11.09 13.94
N PRO A 17 -3.41 -10.89 15.11
CA PRO A 17 -2.07 -10.32 15.20
C PRO A 17 -1.04 -11.15 14.46
N VAL A 18 0.07 -10.51 14.09
CA VAL A 18 1.13 -11.14 13.32
C VAL A 18 2.37 -11.43 14.16
N ALA A 19 2.73 -12.70 14.28
CA ALA A 19 3.94 -13.06 15.00
C ALA A 19 5.16 -12.85 14.10
N GLY A 20 6.26 -12.42 14.70
CA GLY A 20 7.52 -12.27 13.98
C GLY A 20 7.60 -11.05 13.07
N ALA A 21 6.62 -10.15 13.20
CA ALA A 21 6.61 -8.90 12.45
C ALA A 21 7.59 -7.90 13.06
N PRO A 22 8.09 -6.95 12.24
CA PRO A 22 8.89 -5.87 12.80
C PRO A 22 8.09 -5.06 13.83
N GLN A 23 8.78 -4.47 14.81
CA GLN A 23 8.07 -3.69 15.82
C GLN A 23 7.28 -2.55 15.18
N VAL A 24 7.93 -1.78 14.32
CA VAL A 24 7.24 -0.70 13.61
C VAL A 24 7.40 -0.89 12.11
N LEU A 25 6.29 -1.22 11.44
CA LEU A 25 6.34 -1.55 10.02
C LEU A 25 5.45 -0.63 9.20
N GLU A 26 6.04 0.02 8.21
CA GLU A 26 5.27 0.89 7.33
C GLU A 26 5.16 0.28 5.94
N PHE A 27 3.98 0.36 5.35
CA PHE A 27 3.78 -0.03 3.95
C PHE A 27 3.54 1.21 3.07
N PHE A 28 4.09 1.18 1.86
CA PHE A 28 3.89 2.27 0.91
C PHE A 28 4.07 1.83 -0.54
N SER A 29 3.66 2.72 -1.44
CA SER A 29 3.87 2.53 -2.87
C SER A 29 4.46 3.80 -3.49
N PHE A 30 5.38 3.63 -4.43
CA PHE A 30 5.93 4.79 -5.11
C PHE A 30 4.89 5.34 -6.08
N PHE A 31 3.83 4.58 -6.33
CA PHE A 31 2.72 5.02 -7.19
C PHE A 31 1.65 5.82 -6.45
N CYS A 32 1.62 5.72 -5.12
CA CYS A 32 0.56 6.36 -4.34
C CYS A 32 0.91 7.79 -3.93
N PRO A 33 0.11 8.76 -4.39
CA PRO A 33 0.26 10.18 -4.06
C PRO A 33 0.22 10.44 -2.57
N HIS A 34 -0.58 9.67 -1.85
CA HIS A 34 -0.68 9.87 -0.42
C HIS A 34 0.60 9.41 0.28
N ALA A 35 1.23 8.38 -0.28
CA ALA A 35 2.53 7.90 0.20
C ALA A 35 3.62 8.95 -0.03
N TYR A 36 3.57 9.62 -1.18
CA TYR A 36 4.50 10.71 -1.48
C TYR A 36 4.33 11.82 -0.42
N GLN A 37 3.08 12.17 -0.15
CA GLN A 37 2.74 13.11 0.90
C GLN A 37 3.30 12.67 2.25
N PHE A 38 2.98 11.43 2.60
CA PHE A 38 3.40 10.81 3.84
C PHE A 38 4.91 10.96 4.03
N GLU A 39 5.65 10.77 2.94
CA GLU A 39 7.10 10.68 3.01
C GLU A 39 7.82 12.02 2.81
N GLU A 40 7.39 12.83 1.84
CA GLU A 40 8.17 14.02 1.50
C GLU A 40 7.50 15.32 1.93
N VAL A 41 6.20 15.27 2.20
CA VAL A 41 5.47 16.46 2.61
C VAL A 41 5.29 16.50 4.12
N LEU A 42 4.70 15.46 4.67
CA LEU A 42 4.48 15.41 6.10
C LEU A 42 5.68 14.82 6.83
N HIS A 43 6.53 14.12 6.10
CA HIS A 43 7.72 13.46 6.65
C HIS A 43 7.37 12.61 7.88
N ILE A 44 6.31 11.82 7.77
CA ILE A 44 5.82 11.06 8.91
C ILE A 44 6.82 10.04 9.42
N SER A 45 7.42 9.31 8.48
CA SER A 45 8.41 8.29 8.83
C SER A 45 9.51 8.88 9.69
N ASP A 46 10.05 10.02 9.27
CA ASP A 46 11.20 10.62 9.95
C ASP A 46 10.84 11.11 11.35
N ASN A 47 9.62 11.59 11.53
CA ASN A 47 9.19 12.06 12.84
C ASN A 47 8.84 10.91 13.77
N VAL A 48 8.29 9.84 13.22
CA VAL A 48 8.06 8.62 13.98
C VAL A 48 9.39 8.08 14.48
N LYS A 49 10.37 8.05 13.59
CA LYS A 49 11.71 7.59 13.91
C LYS A 49 12.31 8.36 15.09
N LYS A 50 12.18 9.68 15.04
CA LYS A 50 12.75 10.60 16.03
C LYS A 50 12.26 10.33 17.44
N LYS A 51 11.07 9.73 17.56
CA LYS A 51 10.47 9.50 18.87
C LYS A 51 10.46 8.04 19.29
N LEU A 52 11.09 7.17 18.52
CA LEU A 52 11.10 5.76 18.84
C LEU A 52 12.00 5.48 20.05
N PRO A 53 11.54 4.59 20.94
CA PRO A 53 12.32 4.15 22.10
C PRO A 53 13.62 3.50 21.66
N GLU A 54 14.55 3.34 22.60
CA GLU A 54 15.82 2.69 22.30
C GLU A 54 15.61 1.27 21.78
N GLY A 55 16.35 0.89 20.75
CA GLY A 55 16.31 -0.47 20.26
C GLY A 55 15.17 -0.77 19.31
N VAL A 56 14.37 0.25 19.00
CA VAL A 56 13.24 0.07 18.09
C VAL A 56 13.51 0.69 16.72
N LYS A 57 13.58 -0.16 15.68
CA LYS A 57 13.84 0.31 14.33
C LYS A 57 12.56 0.56 13.53
N MET A 58 12.62 1.51 12.62
CA MET A 58 11.52 1.84 11.72
C MET A 58 11.61 1.08 10.40
N THR A 59 10.80 0.03 10.25
CA THR A 59 10.83 -0.79 9.04
C THR A 59 9.85 -0.31 7.95
N LYS A 60 10.33 -0.21 6.71
CA LYS A 60 9.49 0.25 5.59
C LYS A 60 9.44 -0.76 4.44
N TYR A 61 8.23 -1.23 4.11
CA TYR A 61 8.07 -2.17 2.99
C TYR A 61 7.24 -1.59 1.87
N HIS A 62 7.65 -1.88 0.64
CA HIS A 62 6.92 -1.48 -0.56
C HIS A 62 5.89 -2.56 -0.91
N VAL A 63 4.87 -2.18 -1.67
CA VAL A 63 3.79 -3.12 -2.01
C VAL A 63 3.60 -3.25 -3.52
N ASN A 64 2.95 -4.34 -3.94
CA ASN A 64 2.79 -4.64 -5.36
C ASN A 64 1.54 -4.10 -6.04
N PHE A 65 0.45 -3.94 -5.29
CA PHE A 65 -0.87 -3.86 -5.92
C PHE A 65 -1.12 -2.62 -6.80
N MET A 66 -0.23 -1.63 -6.75
CA MET A 66 -0.30 -0.51 -7.67
C MET A 66 0.80 -0.56 -8.71
N GLY A 67 0.45 -0.23 -9.95
CA GLY A 67 1.45 -0.02 -10.97
C GLY A 67 1.76 -1.24 -11.82
N GLY A 68 0.90 -2.25 -11.74
CA GLY A 68 1.08 -3.45 -12.53
C GLY A 68 2.44 -4.11 -12.33
N ASP A 69 3.06 -4.50 -13.43
CA ASP A 69 4.36 -5.19 -13.39
C ASP A 69 5.44 -4.27 -12.83
N LEU A 70 5.29 -2.97 -13.06
CA LEU A 70 6.25 -2.00 -12.56
C LEU A 70 6.22 -1.91 -11.04
N GLY A 71 5.02 -2.06 -10.48
CA GLY A 71 4.87 -2.08 -9.04
C GLY A 71 5.66 -3.20 -8.41
N LYS A 72 5.58 -4.39 -9.02
CA LYS A 72 6.35 -5.55 -8.56
C LYS A 72 7.84 -5.30 -8.74
N ASP A 73 8.20 -4.62 -9.83
CA ASP A 73 9.60 -4.29 -10.08
C ASP A 73 10.10 -3.28 -9.05
N LEU A 74 9.21 -2.41 -8.60
CA LEU A 74 9.57 -1.42 -7.60
C LEU A 74 9.73 -2.06 -6.23
N THR A 75 8.96 -3.12 -5.97
CA THR A 75 9.09 -3.82 -4.72
C THR A 75 10.47 -4.48 -4.69
N GLN A 76 10.87 -5.06 -5.81
CA GLN A 76 12.19 -5.69 -5.87
C GLN A 76 13.27 -4.63 -5.76
N ALA A 77 13.05 -3.47 -6.40
CA ALA A 77 14.01 -2.38 -6.30
C ALA A 77 14.14 -1.85 -4.87
N TRP A 78 13.03 -1.78 -4.14
CA TRP A 78 13.07 -1.33 -2.75
C TRP A 78 13.84 -2.34 -1.90
N ALA A 79 13.70 -3.62 -2.23
CA ALA A 79 14.49 -4.66 -1.59
C ALA A 79 15.99 -4.36 -1.81
N VAL A 80 16.34 -3.97 -3.02
CA VAL A 80 17.73 -3.59 -3.31
C VAL A 80 18.14 -2.40 -2.46
N ALA A 81 17.30 -1.37 -2.43
CA ALA A 81 17.58 -0.18 -1.65
C ALA A 81 17.79 -0.54 -0.17
N MET A 82 16.97 -1.46 0.34
CA MET A 82 17.11 -1.90 1.71
C MET A 82 18.45 -2.63 1.96
N ALA A 83 18.77 -3.57 1.08
CA ALA A 83 19.99 -4.36 1.21
C ALA A 83 21.26 -3.51 1.14
N LEU A 84 21.30 -2.54 0.23
CA LEU A 84 22.47 -1.69 0.05
C LEU A 84 22.49 -0.53 1.05
N GLY A 85 21.36 -0.33 1.72
CA GLY A 85 21.22 0.77 2.65
C GLY A 85 21.21 2.13 1.96
N VAL A 86 20.56 2.22 0.81
CA VAL A 86 20.55 3.48 0.07
C VAL A 86 19.15 4.09 -0.06
N GLU A 87 18.26 3.74 0.87
CA GLU A 87 16.91 4.28 0.92
C GLU A 87 16.86 5.80 0.79
N ASP A 88 17.72 6.48 1.54
CA ASP A 88 17.70 7.94 1.60
C ASP A 88 18.23 8.57 0.32
N LYS A 89 18.84 7.77 -0.54
CA LYS A 89 19.36 8.26 -1.81
C LYS A 89 18.43 8.01 -2.98
N VAL A 90 17.44 7.13 -2.81
CA VAL A 90 16.59 6.77 -3.93
C VAL A 90 15.11 7.08 -3.72
N THR A 91 14.71 7.24 -2.46
CA THR A 91 13.30 7.46 -2.15
C THR A 91 12.72 8.65 -2.92
N VAL A 92 13.33 9.81 -2.79
CA VAL A 92 12.82 10.99 -3.50
C VAL A 92 12.86 10.82 -5.02
N PRO A 93 14.02 10.46 -5.60
CA PRO A 93 13.98 10.38 -7.07
C PRO A 93 13.07 9.27 -7.62
N LEU A 94 12.73 8.28 -6.81
CA LEU A 94 11.78 7.26 -7.25
C LEU A 94 10.36 7.81 -7.16
N PHE A 95 10.07 8.56 -6.11
CA PHE A 95 8.77 9.21 -6.00
C PHE A 95 8.57 10.20 -7.13
N GLU A 96 9.58 11.02 -7.40
CA GLU A 96 9.49 12.02 -8.46
C GLU A 96 9.47 11.40 -9.84
N GLY A 97 10.21 10.30 -10.01
CA GLY A 97 10.26 9.62 -11.29
C GLY A 97 8.92 9.01 -11.65
N VAL A 98 8.16 8.59 -10.65
CA VAL A 98 6.88 7.94 -10.90
C VAL A 98 5.74 8.95 -11.00
N GLN A 99 5.71 9.90 -10.08
CA GLN A 99 4.56 10.82 -9.95
C GLN A 99 4.80 12.24 -10.51
N LYS A 100 6.02 12.74 -10.42
CA LYS A 100 6.29 14.11 -10.86
C LYS A 100 6.66 14.20 -12.33
N THR A 101 7.77 13.58 -12.71
CA THR A 101 8.24 13.62 -14.09
C THR A 101 7.69 12.47 -14.92
N GLN A 102 7.20 11.43 -14.24
CA GLN A 102 6.67 10.23 -14.88
C GLN A 102 7.62 9.68 -15.92
N THR A 103 8.91 9.64 -15.57
CA THR A 103 9.97 9.14 -16.45
C THR A 103 10.38 7.71 -16.09
N ILE A 104 9.71 7.13 -15.11
CA ILE A 104 9.91 5.72 -14.78
C ILE A 104 8.80 4.91 -15.44
N ARG A 105 9.12 4.27 -16.56
CA ARG A 105 8.11 3.53 -17.32
C ARG A 105 8.51 2.08 -17.49
N SER A 106 9.70 1.74 -16.99
CA SER A 106 10.22 0.37 -17.12
C SER A 106 11.26 0.06 -16.04
N ALA A 107 11.58 -1.23 -15.91
CA ALA A 107 12.56 -1.69 -14.94
C ALA A 107 13.91 -1.01 -15.16
N SER A 108 14.23 -0.78 -16.43
CA SER A 108 15.47 -0.09 -16.79
C SER A 108 15.49 1.34 -16.26
N ASP A 109 14.35 2.01 -16.29
CA ASP A 109 14.26 3.38 -15.78
C ASP A 109 14.51 3.43 -14.28
N ILE A 110 14.05 2.40 -13.57
CA ILE A 110 14.29 2.27 -12.15
C ILE A 110 15.78 2.18 -11.91
N ARG A 111 16.41 1.30 -12.66
CA ARG A 111 17.84 1.10 -12.60
C ARG A 111 18.60 2.41 -12.82
N ASP A 112 18.15 3.19 -13.80
CA ASP A 112 18.78 4.49 -14.10
C ASP A 112 18.83 5.41 -12.89
N VAL A 113 17.75 5.38 -12.10
CA VAL A 113 17.66 6.20 -10.89
C VAL A 113 18.77 5.83 -9.91
N PHE A 114 18.95 4.54 -9.69
CA PHE A 114 19.98 4.04 -8.77
C PHE A 114 21.39 4.38 -9.26
N ILE A 115 21.60 4.26 -10.57
CA ILE A 115 22.91 4.58 -11.14
C ILE A 115 23.22 6.07 -10.95
N ASN A 116 22.23 6.93 -11.14
CA ASN A 116 22.45 8.36 -10.96
C ASN A 116 22.60 8.73 -9.48
N ALA A 117 22.21 7.83 -8.59
CA ALA A 117 22.31 8.13 -7.17
C ALA A 117 23.65 7.68 -6.60
N GLY A 118 24.43 6.98 -7.43
CA GLY A 118 25.75 6.55 -7.05
C GLY A 118 25.94 5.04 -6.99
N ILE A 119 24.87 4.29 -7.13
CA ILE A 119 24.96 2.84 -7.12
C ILE A 119 25.30 2.34 -8.53
N LYS A 120 26.49 1.76 -8.67
CA LYS A 120 26.97 1.32 -9.99
C LYS A 120 26.12 0.20 -10.60
N GLY A 121 26.01 0.21 -11.93
CA GLY A 121 25.22 -0.76 -12.65
C GLY A 121 25.52 -2.22 -12.32
N GLU A 122 26.79 -2.56 -12.18
CA GLU A 122 27.18 -3.92 -11.80
C GLU A 122 26.70 -4.23 -10.40
N GLU A 123 26.84 -3.23 -9.51
CA GLU A 123 26.40 -3.40 -8.13
C GLU A 123 24.89 -3.58 -8.04
N TYR A 124 24.14 -2.73 -8.75
CA TYR A 124 22.69 -2.81 -8.75
C TYR A 124 22.19 -4.15 -9.25
N ASP A 125 22.74 -4.61 -10.38
CA ASP A 125 22.29 -5.85 -11.00
C ASP A 125 22.62 -7.06 -10.13
N ALA A 126 23.73 -6.98 -9.41
CA ALA A 126 24.16 -8.05 -8.51
C ALA A 126 23.22 -8.16 -7.31
N ALA A 127 22.88 -7.00 -6.75
CA ALA A 127 21.90 -6.94 -5.68
C ALA A 127 20.56 -7.45 -6.17
N TRP A 128 20.13 -6.96 -7.33
CA TRP A 128 18.86 -7.35 -7.94
C TRP A 128 18.72 -8.87 -8.01
N ASN A 129 19.81 -9.55 -8.35
CA ASN A 129 19.79 -10.99 -8.53
C ASN A 129 20.20 -11.78 -7.29
N SER A 130 20.54 -11.07 -6.22
CA SER A 130 21.05 -11.68 -5.00
C SER A 130 19.99 -12.44 -4.21
N PHE A 131 20.45 -13.34 -3.34
CA PHE A 131 19.58 -14.14 -2.49
C PHE A 131 18.83 -13.25 -1.50
N VAL A 132 19.52 -12.25 -0.97
CA VAL A 132 18.95 -11.33 0.02
C VAL A 132 17.77 -10.54 -0.53
N VAL A 133 17.91 -10.02 -1.74
CA VAL A 133 16.84 -9.22 -2.33
C VAL A 133 15.68 -10.14 -2.66
N LYS A 134 16.00 -11.36 -3.08
CA LYS A 134 15.00 -12.37 -3.35
C LYS A 134 14.16 -12.67 -2.10
N SER A 135 14.81 -12.71 -0.94
CA SER A 135 14.12 -13.03 0.30
C SER A 135 13.40 -11.78 0.84
N LEU A 136 13.99 -10.61 0.64
CA LEU A 136 13.37 -9.36 1.08
C LEU A 136 12.08 -9.11 0.30
N VAL A 137 12.07 -9.48 -0.97
CA VAL A 137 10.85 -9.38 -1.77
C VAL A 137 9.73 -10.23 -1.14
N ALA A 138 10.05 -11.47 -0.80
CA ALA A 138 9.09 -12.37 -0.20
C ALA A 138 8.67 -11.88 1.19
N GLN A 139 9.61 -11.27 1.89
CA GLN A 139 9.39 -10.72 3.22
C GLN A 139 8.35 -9.60 3.18
N GLN A 140 8.50 -8.71 2.21
CA GLN A 140 7.57 -7.59 2.05
C GLN A 140 6.18 -8.07 1.65
N GLU A 141 6.12 -9.08 0.79
CA GLU A 141 4.85 -9.60 0.31
C GLU A 141 4.11 -10.33 1.42
N LYS A 142 4.84 -11.10 2.22
CA LYS A 142 4.24 -11.89 3.29
C LYS A 142 3.71 -10.97 4.38
N ALA A 143 4.50 -9.95 4.72
CA ALA A 143 4.11 -9.00 5.76
C ALA A 143 2.80 -8.31 5.38
N ALA A 144 2.66 -7.93 4.12
CA ALA A 144 1.43 -7.32 3.63
C ALA A 144 0.23 -8.27 3.75
N ALA A 145 0.41 -9.50 3.28
CA ALA A 145 -0.65 -10.50 3.38
C ALA A 145 -1.02 -10.75 4.84
N ASP A 146 0.00 -10.86 5.69
CA ASP A 146 -0.19 -11.20 7.09
C ASP A 146 -1.01 -10.16 7.85
N VAL A 147 -0.93 -8.90 7.46
CA VAL A 147 -1.72 -7.87 8.10
C VAL A 147 -3.04 -7.64 7.36
N GLN A 148 -3.24 -8.37 6.28
CA GLN A 148 -4.40 -8.20 5.42
C GLN A 148 -4.51 -6.73 5.00
N LEU A 149 -3.42 -6.27 4.40
CA LEU A 149 -3.28 -4.90 3.96
C LEU A 149 -4.39 -4.54 2.99
N ARG A 150 -5.04 -3.41 3.24
CA ARG A 150 -6.13 -2.94 2.39
C ARG A 150 -5.74 -1.72 1.58
N GLY A 151 -4.69 -1.02 2.02
CA GLY A 151 -4.26 0.20 1.35
C GLY A 151 -3.04 0.85 1.95
N VAL A 152 -2.45 1.78 1.19
CA VAL A 152 -1.23 2.46 1.59
C VAL A 152 -1.43 3.98 1.48
N PRO A 153 -0.70 4.75 2.31
CA PRO A 153 0.28 4.30 3.31
C PRO A 153 -0.37 3.77 4.58
N ALA A 154 0.35 2.90 5.30
CA ALA A 154 -0.14 2.30 6.53
C ALA A 154 1.02 1.97 7.46
N MET A 155 0.75 1.93 8.76
CA MET A 155 1.80 1.61 9.71
C MET A 155 1.27 0.64 10.76
N PHE A 156 2.15 -0.23 11.23
CA PHE A 156 1.75 -1.25 12.18
C PHE A 156 2.76 -1.39 13.31
N VAL A 157 2.26 -1.52 14.53
CA VAL A 157 3.14 -1.67 15.66
C VAL A 157 3.04 -3.08 16.27
N ASN A 158 4.17 -3.74 16.37
CA ASN A 158 4.29 -5.07 17.00
C ASN A 158 3.31 -6.10 16.45
N GLY A 159 2.94 -5.93 15.18
CA GLY A 159 2.01 -6.81 14.51
C GLY A 159 0.60 -6.84 15.08
N LYS A 160 0.29 -5.92 15.99
CA LYS A 160 -1.00 -5.92 16.68
C LYS A 160 -1.82 -4.67 16.39
N TYR A 161 -1.14 -3.57 16.10
CA TYR A 161 -1.80 -2.28 16.04
C TYR A 161 -1.67 -1.57 14.71
N GLN A 162 -2.81 -1.15 14.16
CA GLN A 162 -2.83 -0.38 12.93
C GLN A 162 -3.09 1.09 13.23
N LEU A 163 -2.21 1.95 12.73
CA LEU A 163 -2.34 3.39 12.91
C LEU A 163 -3.60 3.91 12.21
N ASN A 164 -4.29 4.84 12.86
CA ASN A 164 -5.54 5.36 12.30
C ASN A 164 -5.54 6.88 12.33
N PRO A 165 -4.84 7.49 11.37
CA PRO A 165 -4.73 8.95 11.32
C PRO A 165 -6.08 9.63 11.15
N GLN A 166 -7.04 8.91 10.59
CA GLN A 166 -8.38 9.45 10.37
C GLN A 166 -9.04 9.76 11.72
N GLY A 167 -8.55 9.11 12.78
CA GLY A 167 -9.06 9.36 14.12
C GLY A 167 -8.18 10.30 14.93
N MET A 168 -7.18 10.92 14.30
CA MET A 168 -6.29 11.85 14.99
C MET A 168 -6.69 13.28 14.71
N ASP A 169 -6.15 14.21 15.50
CA ASP A 169 -6.43 15.62 15.32
C ASP A 169 -5.69 16.19 14.11
N THR A 170 -6.43 16.78 13.17
CA THR A 170 -5.82 17.31 11.96
C THR A 170 -6.08 18.81 11.78
N SER A 171 -6.36 19.49 12.90
CA SER A 171 -6.51 20.94 12.91
C SER A 171 -5.27 21.63 12.36
N ASN A 172 -4.10 21.14 12.77
CA ASN A 172 -2.85 21.60 12.20
C ASN A 172 -1.91 20.43 11.93
N MET A 173 -1.08 20.56 10.89
CA MET A 173 -0.27 19.45 10.42
C MET A 173 0.87 19.09 11.36
N ASP A 174 1.42 20.09 12.02
CA ASP A 174 2.48 19.86 13.00
C ASP A 174 1.93 19.08 14.19
N VAL A 175 0.74 19.46 14.65
CA VAL A 175 0.07 18.74 15.73
C VAL A 175 -0.27 17.32 15.27
N PHE A 176 -0.70 17.21 14.03
CA PHE A 176 -1.09 15.92 13.49
C PHE A 176 0.10 14.99 13.40
N VAL A 177 1.21 15.46 12.84
CA VAL A 177 2.38 14.61 12.72
C VAL A 177 2.87 14.17 14.11
N GLN A 178 2.85 15.07 15.09
CA GLN A 178 3.32 14.72 16.43
C GLN A 178 2.38 13.77 17.16
N GLN A 179 1.09 13.85 16.85
CA GLN A 179 0.15 12.90 17.44
C GLN A 179 0.41 11.52 16.86
N TYR A 180 0.77 11.49 15.58
CA TYR A 180 1.08 10.24 14.90
C TYR A 180 2.32 9.60 15.52
N ALA A 181 3.40 10.37 15.63
CA ALA A 181 4.65 9.88 16.21
C ALA A 181 4.46 9.43 17.65
N ASP A 182 3.71 10.21 18.43
CA ASP A 182 3.46 9.84 19.82
C ASP A 182 2.65 8.58 19.93
N THR A 183 1.71 8.38 19.01
CA THR A 183 0.89 7.17 19.00
C THR A 183 1.73 5.94 18.68
N VAL A 184 2.63 6.06 17.71
CA VAL A 184 3.54 4.98 17.39
C VAL A 184 4.40 4.64 18.59
N LYS A 185 4.95 5.68 19.22
CA LYS A 185 5.80 5.53 20.40
C LYS A 185 5.05 4.86 21.55
N TYR A 186 3.81 5.30 21.79
CA TYR A 186 2.99 4.72 22.84
C TYR A 186 2.69 3.26 22.58
N LEU A 187 2.32 2.94 21.35
CA LEU A 187 1.98 1.57 20.97
C LEU A 187 3.18 0.64 21.08
N SER A 188 4.38 1.18 20.89
CA SER A 188 5.60 0.38 20.90
C SER A 188 5.95 -0.06 22.33
N GLU A 189 5.44 0.67 23.31
CA GLU A 189 5.69 0.36 24.72
C GLU A 189 4.50 -0.38 25.35
N LYS A 190 3.55 -0.79 24.51
CA LYS A 190 2.30 -1.38 24.98
C LYS A 190 2.30 -2.90 24.97
N ALA B 3 -0.88 -28.73 30.95
CA ALA B 3 -1.30 -28.89 29.56
C ALA B 3 -0.19 -29.57 28.76
N GLN B 4 0.51 -30.50 29.43
CA GLN B 4 1.63 -31.27 28.86
C GLN B 4 2.86 -30.40 28.59
N TYR B 5 2.65 -29.11 28.35
CA TYR B 5 3.73 -28.14 28.18
C TYR B 5 3.61 -27.08 29.24
N GLU B 6 4.52 -27.08 30.20
CA GLU B 6 4.41 -26.12 31.29
C GLU B 6 5.61 -25.21 31.45
N ASP B 7 5.30 -23.96 31.79
CA ASP B 7 6.34 -23.00 32.17
C ASP B 7 7.13 -23.60 33.31
N GLY B 8 8.45 -23.46 33.23
CA GLY B 8 9.35 -23.97 34.23
C GLY B 8 9.75 -25.41 33.98
N LYS B 9 9.17 -26.03 32.96
CA LYS B 9 9.49 -27.42 32.64
C LYS B 9 10.14 -27.57 31.25
N GLN B 10 9.33 -27.64 30.20
CA GLN B 10 9.86 -27.75 28.84
C GLN B 10 10.40 -26.41 28.33
N TYR B 11 9.98 -25.33 28.99
CA TYR B 11 10.42 -24.00 28.61
C TYR B 11 10.36 -23.08 29.81
N THR B 12 11.00 -21.91 29.69
CA THR B 12 10.87 -20.87 30.69
C THR B 12 10.39 -19.57 30.05
N THR B 13 9.96 -18.63 30.88
CA THR B 13 9.40 -17.37 30.39
C THR B 13 10.32 -16.21 30.74
N LEU B 14 10.76 -15.48 29.72
CA LEU B 14 11.65 -14.35 29.90
C LEU B 14 11.00 -13.24 30.72
N GLU B 15 11.77 -12.67 31.64
CA GLU B 15 11.29 -11.62 32.53
C GLU B 15 11.08 -10.33 31.73
N LYS B 16 11.93 -10.10 30.74
CA LYS B 16 11.75 -8.98 29.82
C LYS B 16 11.62 -9.50 28.39
N PRO B 17 10.37 -9.68 27.91
CA PRO B 17 10.14 -10.21 26.56
C PRO B 17 10.76 -9.32 25.50
N VAL B 18 11.04 -9.89 24.33
CA VAL B 18 11.71 -9.16 23.28
C VAL B 18 10.76 -8.84 22.13
N ALA B 19 10.51 -7.56 21.89
CA ALA B 19 9.67 -7.15 20.77
C ALA B 19 10.45 -7.16 19.46
N GLY B 20 9.81 -7.56 18.38
CA GLY B 20 10.40 -7.53 17.06
C GLY B 20 11.41 -8.63 16.79
N ALA B 21 11.46 -9.61 17.69
CA ALA B 21 12.33 -10.78 17.54
C ALA B 21 11.77 -11.76 16.52
N PRO B 22 12.65 -12.59 15.91
CA PRO B 22 12.13 -13.66 15.07
C PRO B 22 11.24 -14.62 15.87
N GLN B 23 10.26 -15.25 15.23
CA GLN B 23 9.37 -16.17 15.92
C GLN B 23 10.14 -17.32 16.57
N VAL B 24 11.02 -17.96 15.79
CA VAL B 24 11.85 -19.01 16.33
C VAL B 24 13.32 -18.65 16.11
N LEU B 25 14.00 -18.36 17.21
CA LEU B 25 15.38 -17.87 17.14
C LEU B 25 16.33 -18.79 17.89
N GLU B 26 17.35 -19.26 17.19
CA GLU B 26 18.35 -20.13 17.82
C GLU B 26 19.70 -19.44 17.90
N PHE B 27 20.36 -19.58 19.05
CA PHE B 27 21.73 -19.12 19.21
C PHE B 27 22.69 -20.29 19.26
N PHE B 28 23.86 -20.14 18.66
CA PHE B 28 24.90 -21.16 18.68
C PHE B 28 26.28 -20.55 18.47
N SER B 29 27.30 -21.36 18.71
CA SER B 29 28.68 -20.99 18.41
C SER B 29 29.33 -22.15 17.68
N PHE B 30 30.20 -21.86 16.73
CA PHE B 30 30.92 -22.91 16.04
C PHE B 30 32.02 -23.47 16.98
N PHE B 31 32.28 -22.77 18.08
CA PHE B 31 33.23 -23.25 19.07
C PHE B 31 32.63 -24.20 20.10
N CYS B 32 31.31 -24.22 20.22
CA CYS B 32 30.66 -25.00 21.26
C CYS B 32 30.38 -26.43 20.81
N PRO B 33 30.97 -27.39 21.53
CA PRO B 33 30.77 -28.82 21.28
C PRO B 33 29.31 -29.22 21.38
N HIS B 34 28.57 -28.58 22.28
CA HIS B 34 27.16 -28.91 22.44
C HIS B 34 26.35 -28.38 21.27
N ALA B 35 26.75 -27.24 20.72
CA ALA B 35 26.12 -26.69 19.54
C ALA B 35 26.34 -27.60 18.34
N TYR B 36 27.55 -28.13 18.23
CA TYR B 36 27.90 -29.10 17.18
C TYR B 36 27.00 -30.34 17.32
N GLN B 37 26.91 -30.84 18.55
CA GLN B 37 26.03 -31.95 18.87
C GLN B 37 24.59 -31.59 18.50
N PHE B 38 24.15 -30.42 18.98
CA PHE B 38 22.82 -29.89 18.73
C PHE B 38 22.49 -29.93 17.23
N GLU B 39 23.47 -29.57 16.41
CA GLU B 39 23.29 -29.36 14.98
C GLU B 39 23.55 -30.60 14.10
N GLU B 40 24.59 -31.35 14.39
CA GLU B 40 25.00 -32.42 13.49
C GLU B 40 24.71 -33.82 14.03
N VAL B 41 24.50 -33.92 15.32
CA VAL B 41 24.24 -35.21 15.95
C VAL B 41 22.75 -35.42 16.21
N LEU B 42 22.15 -34.47 16.91
CA LEU B 42 20.73 -34.54 17.24
C LEU B 42 19.87 -33.91 16.14
N HIS B 43 20.49 -33.08 15.30
CA HIS B 43 19.80 -32.38 14.21
C HIS B 43 18.55 -31.65 14.70
N ILE B 44 18.68 -30.92 15.81
CA ILE B 44 17.54 -30.27 16.44
C ILE B 44 16.88 -29.19 15.57
N SER B 45 17.69 -28.34 14.96
CA SER B 45 17.16 -27.29 14.08
C SER B 45 16.27 -27.89 13.00
N ASP B 46 16.76 -28.93 12.34
CA ASP B 46 16.05 -29.53 11.21
C ASP B 46 14.74 -30.17 11.61
N ASN B 47 14.68 -30.74 12.79
CA ASN B 47 13.45 -31.37 13.25
C ASN B 47 12.46 -30.33 13.77
N VAL B 48 12.98 -29.28 14.39
CA VAL B 48 12.14 -28.16 14.79
C VAL B 48 11.46 -27.59 13.55
N LYS B 49 12.25 -27.39 12.49
CA LYS B 49 11.73 -26.88 11.24
C LYS B 49 10.58 -27.70 10.66
N LYS B 50 10.78 -29.01 10.62
CA LYS B 50 9.80 -29.93 10.05
C LYS B 50 8.44 -29.84 10.74
N LYS B 51 8.41 -29.35 11.97
CA LYS B 51 7.17 -29.28 12.74
C LYS B 51 6.66 -27.86 12.93
N LEU B 52 7.32 -26.89 12.28
CA LEU B 52 6.88 -25.51 12.36
C LEU B 52 5.60 -25.30 11.56
N PRO B 53 4.67 -24.52 12.13
CA PRO B 53 3.41 -24.11 11.49
C PRO B 53 3.67 -23.34 10.21
N GLU B 54 2.63 -23.18 9.41
CA GLU B 54 2.71 -22.43 8.16
C GLU B 54 3.18 -20.98 8.38
N GLY B 55 4.11 -20.50 7.56
CA GLY B 55 4.55 -19.12 7.65
C GLY B 55 5.58 -18.80 8.72
N VAL B 56 6.05 -19.81 9.43
CA VAL B 56 7.01 -19.64 10.51
C VAL B 56 8.42 -20.07 10.12
N LYS B 57 9.35 -19.13 10.11
CA LYS B 57 10.73 -19.40 9.72
C LYS B 57 11.59 -19.72 10.95
N MET B 58 12.60 -20.55 10.73
CA MET B 58 13.60 -20.93 11.73
C MET B 58 14.84 -20.03 11.65
N THR B 59 14.95 -19.04 12.54
CA THR B 59 16.11 -18.13 12.49
C THR B 59 17.27 -18.60 13.38
N LYS B 60 18.48 -18.61 12.82
CA LYS B 60 19.67 -19.05 13.55
C LYS B 60 20.74 -17.96 13.60
N TYR B 61 21.14 -17.58 14.81
CA TYR B 61 22.18 -16.58 15.03
C TYR B 61 23.42 -17.12 15.73
N HIS B 62 24.59 -16.67 15.28
CA HIS B 62 25.87 -17.01 15.90
C HIS B 62 26.17 -15.99 17.00
N VAL B 63 27.04 -16.35 17.94
CA VAL B 63 27.39 -15.46 19.04
C VAL B 63 28.89 -15.21 19.13
N ASN B 64 29.28 -14.14 19.81
CA ASN B 64 30.68 -13.72 19.89
C ASN B 64 31.50 -14.29 21.05
N PHE B 65 30.86 -14.64 22.15
CA PHE B 65 31.58 -14.77 23.41
C PHE B 65 32.57 -15.95 23.47
N MET B 66 32.51 -16.86 22.52
CA MET B 66 33.52 -17.93 22.43
C MET B 66 34.47 -17.73 21.27
N GLY B 67 35.75 -17.98 21.51
CA GLY B 67 36.72 -18.06 20.44
C GLY B 67 37.42 -16.74 20.17
N GLY B 68 37.27 -15.78 21.08
CA GLY B 68 37.92 -14.50 20.92
C GLY B 68 37.63 -13.84 19.58
N ASP B 69 38.68 -13.33 18.95
CA ASP B 69 38.57 -12.63 17.69
C ASP B 69 38.04 -13.53 16.57
N LEU B 70 38.33 -14.82 16.64
CA LEU B 70 37.82 -15.75 15.65
C LEU B 70 36.30 -15.89 15.78
N GLY B 71 35.84 -15.85 17.02
CA GLY B 71 34.43 -15.93 17.31
C GLY B 71 33.65 -14.79 16.65
N LYS B 72 34.18 -13.58 16.75
CA LYS B 72 33.56 -12.43 16.12
C LYS B 72 33.58 -12.55 14.61
N ASP B 73 34.69 -13.07 14.08
CA ASP B 73 34.82 -13.27 12.64
C ASP B 73 33.85 -14.35 12.16
N LEU B 74 33.59 -15.32 13.02
CA LEU B 74 32.65 -16.39 12.69
C LEU B 74 31.23 -15.86 12.72
N THR B 75 30.98 -14.86 13.56
CA THR B 75 29.69 -14.21 13.59
C THR B 75 29.47 -13.45 12.30
N GLN B 76 30.51 -12.74 11.85
CA GLN B 76 30.42 -12.00 10.60
C GLN B 76 30.31 -12.94 9.40
N ALA B 77 31.05 -14.03 9.46
CA ALA B 77 31.00 -15.06 8.42
C ALA B 77 29.61 -15.69 8.34
N TRP B 78 28.98 -15.88 9.50
CA TRP B 78 27.63 -16.43 9.53
C TRP B 78 26.64 -15.42 8.93
N ALA B 79 26.87 -14.13 9.16
CA ALA B 79 26.06 -13.09 8.53
C ALA B 79 26.17 -13.24 7.01
N VAL B 80 27.38 -13.49 6.53
CA VAL B 80 27.59 -13.72 5.11
C VAL B 80 26.80 -14.95 4.62
N ALA B 81 26.91 -16.06 5.36
CA ALA B 81 26.19 -17.28 5.01
C ALA B 81 24.67 -17.07 4.94
N MET B 82 24.14 -16.31 5.88
CA MET B 82 22.72 -15.98 5.91
C MET B 82 22.32 -15.16 4.69
N ALA B 83 23.13 -14.14 4.40
CA ALA B 83 22.91 -13.25 3.27
C ALA B 83 22.96 -13.97 1.91
N LEU B 84 23.91 -14.87 1.74
CA LEU B 84 24.06 -15.57 0.46
C LEU B 84 23.13 -16.78 0.40
N GLY B 85 22.56 -17.14 1.54
CA GLY B 85 21.71 -18.30 1.67
C GLY B 85 22.47 -19.61 1.53
N VAL B 86 23.69 -19.65 2.05
CA VAL B 86 24.53 -20.83 1.92
C VAL B 86 24.85 -21.50 3.26
N GLU B 87 23.97 -21.32 4.24
CA GLU B 87 24.12 -21.95 5.55
C GLU B 87 24.38 -23.45 5.46
N ASP B 88 23.61 -24.13 4.62
CA ASP B 88 23.66 -25.59 4.52
C ASP B 88 24.92 -26.09 3.83
N LYS B 89 25.66 -25.19 3.21
CA LYS B 89 26.90 -25.53 2.54
C LYS B 89 28.13 -25.25 3.42
N VAL B 90 27.94 -24.52 4.52
CA VAL B 90 29.08 -24.11 5.34
C VAL B 90 29.00 -24.61 6.78
N THR B 91 27.80 -24.95 7.24
CA THR B 91 27.60 -25.33 8.63
C THR B 91 28.51 -26.49 9.06
N VAL B 92 28.44 -27.61 8.36
CA VAL B 92 29.27 -28.76 8.72
C VAL B 92 30.78 -28.47 8.60
N PRO B 93 31.25 -27.95 7.44
CA PRO B 93 32.71 -27.75 7.41
C PRO B 93 33.24 -26.66 8.37
N LEU B 94 32.38 -25.77 8.84
CA LEU B 94 32.80 -24.78 9.84
C LEU B 94 32.88 -25.44 11.21
N PHE B 95 31.91 -26.28 11.51
CA PHE B 95 31.95 -27.03 12.76
C PHE B 95 33.18 -27.95 12.79
N GLU B 96 33.43 -28.66 11.70
CA GLU B 96 34.56 -29.58 11.64
C GLU B 96 35.90 -28.86 11.62
N GLY B 97 35.95 -27.73 10.94
CA GLY B 97 37.19 -26.98 10.86
C GLY B 97 37.59 -26.40 12.19
N VAL B 98 36.61 -26.11 13.04
CA VAL B 98 36.91 -25.55 14.35
C VAL B 98 37.15 -26.63 15.40
N GLN B 99 36.30 -27.65 15.43
CA GLN B 99 36.33 -28.63 16.53
C GLN B 99 36.98 -29.99 16.17
N LYS B 100 36.85 -30.43 14.93
CA LYS B 100 37.37 -31.74 14.52
C LYS B 100 38.82 -31.67 14.06
N THR B 101 39.06 -30.93 12.99
CA THR B 101 40.40 -30.82 12.43
C THR B 101 41.17 -29.63 13.02
N GLN B 102 40.44 -28.70 13.63
CA GLN B 102 41.03 -27.48 14.20
C GLN B 102 41.93 -26.77 13.19
N THR B 103 41.45 -26.69 11.95
CA THR B 103 42.16 -26.05 10.85
C THR B 103 41.63 -24.64 10.57
N ILE B 104 40.67 -24.20 11.38
CA ILE B 104 40.20 -22.83 11.29
C ILE B 104 40.88 -22.02 12.38
N ARG B 105 41.91 -21.27 12.00
CA ARG B 105 42.70 -20.52 12.97
C ARG B 105 42.73 -19.03 12.66
N SER B 106 42.12 -18.64 11.53
CA SER B 106 42.11 -17.25 11.12
C SER B 106 40.94 -16.98 10.17
N ALA B 107 40.65 -15.69 9.94
CA ALA B 107 39.57 -15.27 9.07
C ALA B 107 39.71 -15.84 7.66
N SER B 108 40.95 -15.94 7.20
CA SER B 108 41.22 -16.51 5.90
C SER B 108 40.81 -17.98 5.87
N ASP B 109 41.02 -18.69 6.97
CA ASP B 109 40.64 -20.10 7.06
C ASP B 109 39.14 -20.24 6.95
N ILE B 110 38.42 -19.30 7.55
CA ILE B 110 36.98 -19.27 7.46
C ILE B 110 36.57 -19.10 6.02
N ARG B 111 37.18 -18.10 5.39
CA ARG B 111 36.96 -17.78 3.99
C ARG B 111 37.17 -18.99 3.08
N ASP B 112 38.24 -19.73 3.33
CA ASP B 112 38.55 -20.92 2.53
C ASP B 112 37.40 -21.92 2.50
N VAL B 113 36.72 -22.09 3.62
CA VAL B 113 35.60 -23.02 3.68
C VAL B 113 34.53 -22.61 2.67
N PHE B 114 34.21 -21.31 2.65
CA PHE B 114 33.20 -20.77 1.75
C PHE B 114 33.63 -20.87 0.29
N ILE B 115 34.89 -20.49 0.04
CA ILE B 115 35.43 -20.52 -1.32
C ILE B 115 35.52 -21.94 -1.87
N ASN B 116 35.91 -22.87 -1.01
CA ASN B 116 36.03 -24.27 -1.39
C ASN B 116 34.64 -24.89 -1.54
N ALA B 117 33.62 -24.18 -1.08
CA ALA B 117 32.23 -24.64 -1.18
C ALA B 117 31.56 -24.11 -2.45
N GLY B 118 32.28 -23.26 -3.17
CA GLY B 118 31.77 -22.74 -4.44
C GLY B 118 31.51 -21.23 -4.50
N ILE B 119 31.64 -20.56 -3.38
CA ILE B 119 31.42 -19.11 -3.33
C ILE B 119 32.70 -18.40 -3.77
N LYS B 120 32.60 -17.64 -4.86
CA LYS B 120 33.78 -17.00 -5.41
C LYS B 120 34.35 -16.01 -4.39
N GLY B 121 35.68 -15.90 -4.34
CA GLY B 121 36.35 -15.04 -3.39
C GLY B 121 35.87 -13.60 -3.42
N GLU B 122 35.63 -13.09 -4.63
CA GLU B 122 35.15 -11.72 -4.82
C GLU B 122 33.74 -11.58 -4.24
N GLU B 123 32.93 -12.62 -4.44
CA GLU B 123 31.57 -12.63 -3.93
C GLU B 123 31.55 -12.63 -2.41
N TYR B 124 32.34 -13.52 -1.82
CA TYR B 124 32.45 -13.59 -0.36
C TYR B 124 32.93 -12.27 0.21
N ASP B 125 33.97 -11.71 -0.40
CA ASP B 125 34.59 -10.49 0.08
C ASP B 125 33.64 -9.29 -0.02
N ALA B 126 32.79 -9.32 -1.04
CA ALA B 126 31.81 -8.25 -1.22
C ALA B 126 30.72 -8.35 -0.15
N ALA B 127 30.25 -9.56 0.09
CA ALA B 127 29.29 -9.84 1.13
C ALA B 127 29.88 -9.45 2.49
N TRP B 128 31.11 -9.89 2.75
CA TRP B 128 31.81 -9.59 3.99
C TRP B 128 31.79 -8.09 4.29
N ASN B 129 31.99 -7.28 3.25
CA ASN B 129 32.08 -5.83 3.43
C ASN B 129 30.75 -5.11 3.17
N SER B 130 29.72 -5.87 2.82
CA SER B 130 28.43 -5.30 2.42
C SER B 130 27.66 -4.69 3.59
N PHE B 131 26.72 -3.82 3.24
CA PHE B 131 25.89 -3.15 4.23
C PHE B 131 24.99 -4.13 4.97
N VAL B 132 24.39 -5.05 4.23
CA VAL B 132 23.46 -6.00 4.82
C VAL B 132 24.16 -6.92 5.84
N VAL B 133 25.37 -7.36 5.53
CA VAL B 133 26.09 -8.23 6.44
C VAL B 133 26.50 -7.44 7.68
N LYS B 134 26.88 -6.18 7.47
CA LYS B 134 27.23 -5.32 8.58
C LYS B 134 26.03 -5.16 9.52
N SER B 135 24.84 -5.07 8.94
CA SER B 135 23.65 -4.88 9.74
C SER B 135 23.23 -6.19 10.39
N LEU B 136 23.45 -7.30 9.68
CA LEU B 136 23.11 -8.62 10.22
C LEU B 136 24.00 -8.96 11.43
N VAL B 137 25.26 -8.52 11.38
CA VAL B 137 26.15 -8.71 12.51
C VAL B 137 25.59 -8.00 13.75
N ALA B 138 25.17 -6.75 13.58
CA ALA B 138 24.62 -5.96 14.68
C ALA B 138 23.33 -6.59 15.19
N GLN B 139 22.58 -7.16 14.24
CA GLN B 139 21.32 -7.85 14.52
C GLN B 139 21.52 -9.06 15.43
N GLN B 140 22.54 -9.85 15.12
CA GLN B 140 22.85 -11.05 15.92
C GLN B 140 23.29 -10.66 17.31
N GLU B 141 24.09 -9.60 17.41
CA GLU B 141 24.62 -9.13 18.68
C GLU B 141 23.52 -8.55 19.56
N LYS B 142 22.59 -7.82 18.96
CA LYS B 142 21.51 -7.19 19.71
C LYS B 142 20.52 -8.22 20.25
N ALA B 143 20.19 -9.22 19.44
CA ALA B 143 19.26 -10.27 19.85
C ALA B 143 19.80 -11.04 21.07
N ALA B 144 21.09 -11.33 21.05
CA ALA B 144 21.73 -12.00 22.17
C ALA B 144 21.61 -11.16 23.43
N ALA B 145 21.92 -9.87 23.29
CA ALA B 145 21.79 -8.91 24.39
C ALA B 145 20.35 -8.80 24.86
N ASP B 146 19.42 -8.72 23.90
CA ASP B 146 18.01 -8.49 24.22
C ASP B 146 17.40 -9.64 25.03
N VAL B 147 17.87 -10.86 24.83
CA VAL B 147 17.38 -12.00 25.60
C VAL B 147 18.26 -12.28 26.81
N GLN B 148 19.31 -11.49 26.97
CA GLN B 148 20.29 -11.69 28.04
C GLN B 148 20.81 -13.11 27.99
N LEU B 149 21.34 -13.47 26.82
CA LEU B 149 21.86 -14.80 26.56
C LEU B 149 22.98 -15.17 27.53
N ARG B 150 22.86 -16.34 28.15
CA ARG B 150 23.86 -16.77 29.12
C ARG B 150 24.68 -17.96 28.59
N GLY B 151 24.19 -18.61 27.54
CA GLY B 151 24.89 -19.74 26.99
C GLY B 151 24.25 -20.35 25.76
N VAL B 152 25.02 -21.19 25.07
CA VAL B 152 24.60 -21.82 23.82
C VAL B 152 24.81 -23.34 23.88
N PRO B 153 24.01 -24.11 23.12
CA PRO B 153 22.93 -23.66 22.25
C PRO B 153 21.68 -23.27 23.02
N ALA B 154 20.86 -22.41 22.42
CA ALA B 154 19.65 -21.93 23.06
C ALA B 154 18.62 -21.59 22.00
N MET B 155 17.35 -21.65 22.36
CA MET B 155 16.30 -21.32 21.41
C MET B 155 15.22 -20.46 22.05
N PHE B 156 14.63 -19.57 21.26
CA PHE B 156 13.64 -18.65 21.78
C PHE B 156 12.44 -18.54 20.84
N VAL B 157 11.24 -18.56 21.42
CA VAL B 157 10.03 -18.46 20.63
C VAL B 157 9.32 -17.13 20.90
N ASN B 158 9.06 -16.39 19.81
CA ASN B 158 8.33 -15.13 19.85
C ASN B 158 8.92 -14.13 20.86
N GLY B 159 10.22 -14.24 21.12
CA GLY B 159 10.90 -13.37 22.05
C GLY B 159 10.46 -13.48 23.50
N LYS B 160 9.65 -14.48 23.83
CA LYS B 160 9.12 -14.61 25.19
C LYS B 160 9.56 -15.90 25.87
N TYR B 161 9.81 -16.95 25.10
CA TYR B 161 9.98 -18.27 25.67
C TYR B 161 11.33 -18.89 25.36
N GLN B 162 11.99 -19.34 26.42
CA GLN B 162 13.27 -20.03 26.31
C GLN B 162 13.08 -21.52 26.48
N LEU B 163 13.55 -22.28 25.50
CA LEU B 163 13.49 -23.74 25.53
C LEU B 163 14.34 -24.29 26.67
N ASN B 164 13.83 -25.35 27.30
CA ASN B 164 14.49 -25.94 28.45
C ASN B 164 14.61 -27.45 28.30
N PRO B 165 15.58 -27.89 27.49
CA PRO B 165 15.76 -29.33 27.21
C PRO B 165 16.07 -30.12 28.48
N GLN B 166 16.63 -29.45 29.48
CA GLN B 166 16.95 -30.09 30.74
C GLN B 166 15.70 -30.56 31.48
N GLY B 167 14.56 -29.95 31.15
CA GLY B 167 13.30 -30.33 31.76
C GLY B 167 12.45 -31.23 30.89
N MET B 168 13.05 -31.68 29.78
CA MET B 168 12.37 -32.57 28.86
C MET B 168 12.81 -34.01 29.06
N ASP B 169 12.08 -34.95 28.48
CA ASP B 169 12.42 -36.36 28.61
C ASP B 169 13.62 -36.74 27.73
N THR B 170 14.65 -37.30 28.34
CA THR B 170 15.86 -37.69 27.61
C THR B 170 16.14 -39.17 27.73
N SER B 171 15.11 -39.95 28.03
CA SER B 171 15.20 -41.39 28.11
C SER B 171 15.74 -41.97 26.80
N ASN B 172 15.23 -41.46 25.68
CA ASN B 172 15.77 -41.80 24.37
C ASN B 172 15.86 -40.54 23.51
N MET B 173 16.85 -40.48 22.63
CA MET B 173 17.13 -39.24 21.91
C MET B 173 16.09 -38.90 20.86
N ASP B 174 15.51 -39.92 20.26
CA ASP B 174 14.44 -39.73 19.29
C ASP B 174 13.23 -39.14 19.99
N VAL B 175 12.92 -39.67 21.17
CA VAL B 175 11.83 -39.14 21.99
C VAL B 175 12.11 -37.70 22.42
N PHE B 176 13.36 -37.44 22.77
CA PHE B 176 13.80 -36.13 23.23
C PHE B 176 13.70 -35.06 22.16
N VAL B 177 14.26 -35.35 20.99
CA VAL B 177 14.26 -34.40 19.91
C VAL B 177 12.82 -34.07 19.50
N GLN B 178 11.96 -35.07 19.45
N GLN B 178 11.99 -35.10 19.43
CA GLN B 178 10.58 -34.84 19.05
CA GLN B 178 10.57 -34.94 19.09
C GLN B 178 9.81 -34.07 20.13
C GLN B 178 9.85 -34.07 20.11
N GLN B 179 10.23 -34.23 21.38
CA GLN B 179 9.61 -33.46 22.45
C GLN B 179 10.03 -31.99 22.29
N TYR B 180 11.27 -31.79 21.86
CA TYR B 180 11.81 -30.46 21.64
C TYR B 180 11.05 -29.73 20.54
N ALA B 181 10.93 -30.39 19.39
CA ALA B 181 10.24 -29.84 18.22
C ALA B 181 8.77 -29.57 18.52
N ASP B 182 8.13 -30.50 19.23
CA ASP B 182 6.73 -30.33 19.59
C ASP B 182 6.54 -29.16 20.53
N THR B 183 7.52 -28.92 21.38
CA THR B 183 7.48 -27.81 22.31
C THR B 183 7.59 -26.49 21.55
N VAL B 184 8.50 -26.44 20.58
CA VAL B 184 8.68 -25.26 19.75
C VAL B 184 7.39 -24.94 18.99
N LYS B 185 6.80 -25.96 18.39
CA LYS B 185 5.55 -25.81 17.66
C LYS B 185 4.45 -25.29 18.56
N TYR B 186 4.38 -25.84 19.77
CA TYR B 186 3.38 -25.40 20.73
C TYR B 186 3.59 -23.94 21.09
N LEU B 187 4.84 -23.59 21.38
CA LEU B 187 5.16 -22.23 21.80
C LEU B 187 4.89 -21.21 20.70
N SER B 188 5.01 -21.64 19.44
CA SER B 188 4.84 -20.73 18.31
C SER B 188 3.37 -20.36 18.10
N GLU B 189 2.46 -21.20 18.60
CA GLU B 189 1.04 -20.94 18.47
C GLU B 189 0.46 -20.33 19.74
N LYS B 190 1.34 -19.96 20.66
CA LYS B 190 0.94 -19.47 21.98
C LYS B 190 0.88 -17.95 22.02
N ALA C 3 -5.68 -12.50 -40.83
CA ALA C 3 -6.68 -12.79 -39.81
C ALA C 3 -7.72 -11.67 -39.75
N GLN C 4 -8.96 -12.03 -39.40
CA GLN C 4 -10.03 -11.05 -39.30
C GLN C 4 -9.90 -10.31 -37.96
N TYR C 5 -9.24 -10.96 -37.01
CA TYR C 5 -8.98 -10.36 -35.72
C TYR C 5 -7.49 -10.17 -35.52
N GLU C 6 -7.08 -8.93 -35.48
CA GLU C 6 -5.67 -8.57 -35.39
C GLU C 6 -5.34 -7.79 -34.13
N ASP C 7 -4.18 -8.07 -33.57
CA ASP C 7 -3.69 -7.33 -32.40
C ASP C 7 -3.66 -5.84 -32.71
N GLY C 8 -4.08 -5.04 -31.73
CA GLY C 8 -4.11 -3.60 -31.89
C GLY C 8 -5.38 -3.06 -32.51
N LYS C 9 -6.30 -3.96 -32.87
CA LYS C 9 -7.57 -3.55 -33.44
C LYS C 9 -8.75 -3.93 -32.52
N GLN C 10 -9.26 -5.16 -32.62
CA GLN C 10 -10.36 -5.60 -31.77
C GLN C 10 -9.89 -5.93 -30.35
N TYR C 11 -8.58 -6.08 -30.18
CA TYR C 11 -8.01 -6.37 -28.88
C TYR C 11 -6.56 -5.87 -28.79
N THR C 12 -6.04 -5.82 -27.58
CA THR C 12 -4.62 -5.57 -27.37
C THR C 12 -4.06 -6.72 -26.57
N THR C 13 -2.75 -6.86 -26.54
CA THR C 13 -2.10 -7.98 -25.85
C THR C 13 -1.29 -7.51 -24.65
N LEU C 14 -1.60 -8.07 -23.48
CA LEU C 14 -0.89 -7.73 -22.26
C LEU C 14 0.58 -8.12 -22.36
N GLU C 15 1.47 -7.24 -21.91
CA GLU C 15 2.91 -7.46 -22.08
C GLU C 15 3.41 -8.59 -21.18
N LYS C 16 2.88 -8.67 -19.97
CA LYS C 16 3.13 -9.83 -19.11
C LYS C 16 1.81 -10.46 -18.70
N PRO C 17 1.46 -11.59 -19.34
CA PRO C 17 0.20 -12.30 -19.06
C PRO C 17 0.10 -12.70 -17.60
N VAL C 18 -1.14 -12.91 -17.16
CA VAL C 18 -1.45 -13.21 -15.78
C VAL C 18 -1.78 -14.69 -15.63
N ALA C 19 -1.02 -15.38 -14.79
CA ALA C 19 -1.25 -16.80 -14.58
C ALA C 19 -2.45 -17.02 -13.68
N GLY C 20 -3.22 -18.07 -13.99
CA GLY C 20 -4.32 -18.48 -13.14
C GLY C 20 -5.52 -17.56 -13.27
N ALA C 21 -5.50 -16.69 -14.27
CA ALA C 21 -6.62 -15.80 -14.50
C ALA C 21 -7.78 -16.57 -15.08
N PRO C 22 -9.01 -16.09 -14.84
CA PRO C 22 -10.16 -16.70 -15.50
C PRO C 22 -10.02 -16.58 -17.01
N GLN C 23 -10.61 -17.51 -17.75
CA GLN C 23 -10.53 -17.50 -19.20
C GLN C 23 -11.14 -16.20 -19.76
N VAL C 24 -12.37 -15.90 -19.35
CA VAL C 24 -13.02 -14.66 -19.76
C VAL C 24 -13.43 -13.86 -18.54
N LEU C 25 -12.79 -12.73 -18.33
CA LEU C 25 -12.97 -11.94 -17.13
C LEU C 25 -13.42 -10.52 -17.43
N GLU C 26 -14.52 -10.12 -16.81
CA GLU C 26 -15.04 -8.78 -16.94
C GLU C 26 -14.88 -8.03 -15.63
N PHE C 27 -14.46 -6.77 -15.72
CA PHE C 27 -14.45 -5.88 -14.57
C PHE C 27 -15.55 -4.83 -14.72
N PHE C 28 -16.21 -4.52 -13.61
CA PHE C 28 -17.27 -3.51 -13.62
C PHE C 28 -17.47 -2.94 -12.22
N SER C 29 -18.21 -1.83 -12.16
CA SER C 29 -18.64 -1.25 -10.89
C SER C 29 -20.13 -0.94 -10.99
N PHE C 30 -20.87 -1.15 -9.90
CA PHE C 30 -22.28 -0.81 -9.90
C PHE C 30 -22.47 0.71 -9.84
N PHE C 31 -21.39 1.44 -9.57
CA PHE C 31 -21.43 2.90 -9.57
C PHE C 31 -21.19 3.50 -10.95
N CYS C 32 -20.67 2.70 -11.88
CA CYS C 32 -20.32 3.20 -13.19
C CYS C 32 -21.49 3.14 -14.17
N PRO C 33 -21.91 4.31 -14.68
CA PRO C 33 -22.98 4.38 -15.68
C PRO C 33 -22.62 3.58 -16.93
N HIS C 34 -21.35 3.59 -17.32
CA HIS C 34 -20.92 2.91 -18.53
C HIS C 34 -20.99 1.40 -18.37
N ALA C 35 -20.67 0.93 -17.15
CA ALA C 35 -20.83 -0.49 -16.84
C ALA C 35 -22.32 -0.84 -16.92
N TYR C 36 -23.13 0.08 -16.41
CA TYR C 36 -24.58 -0.06 -16.47
C TYR C 36 -25.02 -0.14 -17.95
N GLN C 37 -24.47 0.73 -18.80
CA GLN C 37 -24.73 0.68 -20.25
C GLN C 37 -24.33 -0.68 -20.80
N PHE C 38 -23.09 -1.05 -20.50
CA PHE C 38 -22.47 -2.29 -20.94
C PHE C 38 -23.34 -3.50 -20.66
N GLU C 39 -23.93 -3.51 -19.48
CA GLU C 39 -24.60 -4.68 -18.95
C GLU C 39 -26.08 -4.71 -19.29
N GLU C 40 -26.76 -3.57 -19.19
CA GLU C 40 -28.21 -3.57 -19.33
C GLU C 40 -28.75 -2.91 -20.60
N VAL C 41 -27.92 -2.12 -21.27
CA VAL C 41 -28.38 -1.47 -22.51
C VAL C 41 -27.85 -2.22 -23.72
N LEU C 42 -26.54 -2.40 -23.79
CA LEU C 42 -25.94 -3.12 -24.92
C LEU C 42 -25.90 -4.62 -24.66
N HIS C 43 -26.01 -5.00 -23.39
CA HIS C 43 -25.97 -6.41 -22.98
C HIS C 43 -24.77 -7.16 -23.56
N ILE C 44 -23.60 -6.57 -23.47
CA ILE C 44 -22.40 -7.16 -24.07
C ILE C 44 -22.05 -8.51 -23.44
N SER C 45 -22.05 -8.58 -22.11
CA SER C 45 -21.76 -9.81 -21.37
C SER C 45 -22.67 -10.96 -21.80
N ASP C 46 -23.96 -10.67 -21.88
CA ASP C 46 -24.95 -11.68 -22.15
C ASP C 46 -24.77 -12.24 -23.55
N ASN C 47 -24.36 -11.38 -24.47
CA ASN C 47 -24.11 -11.81 -25.84
C ASN C 47 -22.77 -12.52 -25.99
N VAL C 48 -21.76 -12.08 -25.24
CA VAL C 48 -20.50 -12.80 -25.19
C VAL C 48 -20.74 -14.22 -24.70
N LYS C 49 -21.56 -14.35 -23.66
CA LYS C 49 -21.94 -15.64 -23.10
C LYS C 49 -22.54 -16.58 -24.14
N LYS C 50 -23.49 -16.04 -24.92
CA LYS C 50 -24.23 -16.82 -25.90
C LYS C 50 -23.33 -17.53 -26.91
N LYS C 51 -22.12 -17.00 -27.08
CA LYS C 51 -21.19 -17.53 -28.07
C LYS C 51 -19.96 -18.20 -27.44
N LEU C 52 -19.95 -18.30 -26.12
CA LEU C 52 -18.86 -18.96 -25.42
C LEU C 52 -18.95 -20.48 -25.54
N PRO C 53 -17.79 -21.15 -25.70
CA PRO C 53 -17.75 -22.61 -25.68
C PRO C 53 -18.19 -23.16 -24.32
N GLU C 54 -18.56 -24.44 -24.26
CA GLU C 54 -18.87 -25.09 -22.99
C GLU C 54 -17.64 -25.11 -22.11
N GLY C 55 -17.85 -24.87 -20.81
CA GLY C 55 -16.78 -24.92 -19.83
C GLY C 55 -16.01 -23.62 -19.75
N VAL C 56 -16.40 -22.65 -20.56
CA VAL C 56 -15.80 -21.33 -20.50
C VAL C 56 -16.84 -20.41 -19.89
N LYS C 57 -16.57 -19.94 -18.68
CA LYS C 57 -17.54 -19.11 -17.98
C LYS C 57 -17.30 -17.64 -18.25
N MET C 58 -18.37 -16.85 -18.17
CA MET C 58 -18.24 -15.41 -18.23
C MET C 58 -18.06 -14.93 -16.80
N THR C 59 -16.81 -14.70 -16.43
CA THR C 59 -16.51 -14.29 -15.07
C THR C 59 -16.56 -12.77 -14.97
N LYS C 60 -17.26 -12.30 -13.95
CA LYS C 60 -17.45 -10.87 -13.73
C LYS C 60 -16.96 -10.50 -12.34
N TYR C 61 -15.99 -9.58 -12.28
CA TYR C 61 -15.49 -9.11 -11.01
C TYR C 61 -15.84 -7.65 -10.83
N HIS C 62 -16.23 -7.30 -9.61
CA HIS C 62 -16.53 -5.94 -9.23
C HIS C 62 -15.23 -5.29 -8.75
N VAL C 63 -15.18 -3.96 -8.75
CA VAL C 63 -13.98 -3.25 -8.36
C VAL C 63 -14.29 -2.28 -7.22
N ASN C 64 -13.25 -1.89 -6.49
CA ASN C 64 -13.44 -1.04 -5.32
C ASN C 64 -13.39 0.45 -5.61
N PHE C 65 -12.70 0.86 -6.69
CA PHE C 65 -12.25 2.24 -6.77
C PHE C 65 -13.35 3.31 -6.88
N MET C 66 -14.59 2.91 -7.16
CA MET C 66 -15.71 3.86 -7.10
C MET C 66 -16.62 3.64 -5.89
N GLY C 67 -17.07 4.73 -5.27
CA GLY C 67 -18.12 4.65 -4.27
C GLY C 67 -17.70 4.56 -2.81
N GLY C 68 -16.42 4.86 -2.54
CA GLY C 68 -15.90 4.84 -1.18
C GLY C 68 -16.10 3.52 -0.46
N ASP C 69 -16.49 3.60 0.81
CA ASP C 69 -16.71 2.40 1.62
C ASP C 69 -17.86 1.56 1.07
N LEU C 70 -18.80 2.21 0.41
CA LEU C 70 -19.92 1.49 -0.20
C LEU C 70 -19.43 0.67 -1.38
N GLY C 71 -18.44 1.18 -2.09
CA GLY C 71 -17.83 0.44 -3.19
C GLY C 71 -17.24 -0.88 -2.73
N LYS C 72 -16.52 -0.84 -1.61
CA LYS C 72 -15.97 -2.06 -1.03
C LYS C 72 -17.06 -3.04 -0.59
N ASP C 73 -18.17 -2.50 -0.07
CA ASP C 73 -19.27 -3.36 0.36
C ASP C 73 -19.93 -4.05 -0.83
N LEU C 74 -19.93 -3.40 -1.98
CA LEU C 74 -20.54 -4.00 -3.17
C LEU C 74 -19.67 -5.12 -3.74
N THR C 75 -18.36 -4.98 -3.60
CA THR C 75 -17.47 -6.03 -4.05
C THR C 75 -17.69 -7.27 -3.20
N GLN C 76 -17.84 -7.08 -1.89
CA GLN C 76 -18.11 -8.22 -1.02
C GLN C 76 -19.49 -8.82 -1.31
N ALA C 77 -20.44 -7.95 -1.59
CA ALA C 77 -21.79 -8.39 -1.94
C ALA C 77 -21.77 -9.18 -3.25
N TRP C 78 -20.97 -8.75 -4.20
CA TRP C 78 -20.86 -9.46 -5.46
C TRP C 78 -20.20 -10.81 -5.23
N ALA C 79 -19.26 -10.86 -4.29
CA ALA C 79 -18.64 -12.10 -3.91
C ALA C 79 -19.72 -13.06 -3.42
N VAL C 80 -20.65 -12.53 -2.65
CA VAL C 80 -21.80 -13.32 -2.18
C VAL C 80 -22.64 -13.84 -3.35
N ALA C 81 -22.99 -12.94 -4.28
CA ALA C 81 -23.78 -13.31 -5.45
C ALA C 81 -23.09 -14.40 -6.27
N MET C 82 -21.76 -14.33 -6.38
CA MET C 82 -21.00 -15.35 -7.08
C MET C 82 -21.07 -16.70 -6.39
N ALA C 83 -20.84 -16.70 -5.07
CA ALA C 83 -20.87 -17.93 -4.27
C ALA C 83 -22.25 -18.57 -4.30
N LEU C 84 -23.30 -17.74 -4.25
CA LEU C 84 -24.66 -18.25 -4.22
C LEU C 84 -25.18 -18.55 -5.62
N GLY C 85 -24.44 -18.10 -6.63
CA GLY C 85 -24.84 -18.27 -8.02
C GLY C 85 -26.09 -17.48 -8.38
N VAL C 86 -26.22 -16.27 -7.83
CA VAL C 86 -27.40 -15.46 -8.09
C VAL C 86 -27.09 -14.15 -8.81
N GLU C 87 -25.99 -14.11 -9.56
CA GLU C 87 -25.61 -12.91 -10.31
C GLU C 87 -26.74 -12.32 -11.13
N ASP C 88 -27.43 -13.18 -11.88
CA ASP C 88 -28.45 -12.73 -12.82
C ASP C 88 -29.74 -12.30 -12.14
N LYS C 89 -29.87 -12.59 -10.84
CA LYS C 89 -31.05 -12.18 -10.09
C LYS C 89 -30.84 -10.87 -9.36
N VAL C 90 -29.59 -10.44 -9.23
CA VAL C 90 -29.27 -9.27 -8.41
C VAL C 90 -28.62 -8.16 -9.22
N THR C 91 -28.09 -8.49 -10.38
CA THR C 91 -27.38 -7.52 -11.20
C THR C 91 -28.24 -6.29 -11.46
N VAL C 92 -29.44 -6.49 -12.00
CA VAL C 92 -30.31 -5.38 -12.32
C VAL C 92 -30.75 -4.57 -11.09
N PRO C 93 -31.29 -5.24 -10.05
CA PRO C 93 -31.72 -4.37 -8.94
C PRO C 93 -30.57 -3.64 -8.22
N LEU C 94 -29.34 -4.10 -8.36
CA LEU C 94 -28.21 -3.40 -7.77
C LEU C 94 -27.83 -2.18 -8.60
N PHE C 95 -27.86 -2.33 -9.92
CA PHE C 95 -27.60 -1.19 -10.79
C PHE C 95 -28.67 -0.12 -10.57
N GLU C 96 -29.94 -0.53 -10.52
CA GLU C 96 -31.04 0.42 -10.34
C GLU C 96 -31.01 1.05 -8.95
N GLY C 97 -30.67 0.26 -7.96
CA GLY C 97 -30.61 0.74 -6.59
C GLY C 97 -29.52 1.76 -6.34
N VAL C 98 -28.41 1.64 -7.07
CA VAL C 98 -27.28 2.54 -6.86
C VAL C 98 -27.44 3.80 -7.72
N GLN C 99 -27.81 3.63 -8.99
CA GLN C 99 -27.80 4.75 -9.92
C GLN C 99 -29.19 5.31 -10.29
N LYS C 100 -30.20 4.45 -10.34
CA LYS C 100 -31.53 4.89 -10.80
C LYS C 100 -32.31 5.49 -9.66
N THR C 101 -32.65 4.69 -8.66
CA THR C 101 -33.42 5.18 -7.53
C THR C 101 -32.50 5.71 -6.45
N GLN C 102 -31.23 5.34 -6.51
CA GLN C 102 -30.23 5.74 -5.53
C GLN C 102 -30.71 5.46 -4.10
N THR C 103 -31.29 4.27 -3.91
CA THR C 103 -31.80 3.84 -2.62
C THR C 103 -30.82 2.89 -1.92
N ILE C 104 -29.69 2.63 -2.56
CA ILE C 104 -28.62 1.86 -1.93
C ILE C 104 -27.54 2.79 -1.38
N ARG C 105 -27.58 3.03 -0.08
CA ARG C 105 -26.67 3.96 0.56
C ARG C 105 -25.89 3.32 1.71
N SER C 106 -26.15 2.04 1.95
CA SER C 106 -25.51 1.31 3.03
C SER C 106 -25.46 -0.18 2.74
N ALA C 107 -24.66 -0.91 3.49
CA ALA C 107 -24.55 -2.36 3.31
C ALA C 107 -25.92 -3.00 3.48
N SER C 108 -26.70 -2.45 4.41
CA SER C 108 -28.02 -2.98 4.69
C SER C 108 -28.92 -2.89 3.47
N ASP C 109 -28.82 -1.80 2.73
CA ASP C 109 -29.61 -1.61 1.52
C ASP C 109 -29.21 -2.64 0.46
N ILE C 110 -27.91 -2.94 0.40
CA ILE C 110 -27.44 -3.95 -0.51
C ILE C 110 -28.06 -5.29 -0.15
N ARG C 111 -27.98 -5.60 1.14
CA ARG C 111 -28.56 -6.81 1.68
C ARG C 111 -30.04 -6.91 1.33
N ASP C 112 -30.76 -5.79 1.45
CA ASP C 112 -32.18 -5.75 1.12
C ASP C 112 -32.44 -6.25 -0.29
N VAL C 113 -31.57 -5.91 -1.23
CA VAL C 113 -31.72 -6.34 -2.60
C VAL C 113 -31.72 -7.87 -2.71
N PHE C 114 -30.75 -8.51 -2.06
CA PHE C 114 -30.61 -9.96 -2.12
C PHE C 114 -31.81 -10.66 -1.51
N ILE C 115 -32.27 -10.15 -0.37
CA ILE C 115 -33.41 -10.75 0.32
C ILE C 115 -34.69 -10.68 -0.53
N ASN C 116 -34.90 -9.55 -1.21
CA ASN C 116 -36.07 -9.38 -2.05
C ASN C 116 -36.00 -10.26 -3.28
N ALA C 117 -34.81 -10.79 -3.55
CA ALA C 117 -34.60 -11.65 -4.70
C ALA C 117 -34.85 -13.12 -4.32
N GLY C 118 -35.10 -13.36 -3.04
CA GLY C 118 -35.42 -14.70 -2.57
C GLY C 118 -34.41 -15.31 -1.61
N ILE C 119 -33.29 -14.64 -1.40
CA ILE C 119 -32.23 -15.12 -0.51
C ILE C 119 -32.52 -14.75 0.94
N LYS C 120 -32.65 -15.74 1.81
CA LYS C 120 -32.95 -15.44 3.22
C LYS C 120 -31.82 -14.63 3.83
N GLY C 121 -32.18 -13.70 4.73
CA GLY C 121 -31.18 -12.87 5.39
C GLY C 121 -30.09 -13.68 6.06
N GLU C 122 -30.48 -14.79 6.68
CA GLU C 122 -29.55 -15.69 7.36
C GLU C 122 -28.59 -16.33 6.37
N GLU C 123 -29.12 -16.68 5.20
CA GLU C 123 -28.32 -17.26 4.14
C GLU C 123 -27.30 -16.24 3.63
N TYR C 124 -27.76 -15.03 3.39
CA TYR C 124 -26.91 -13.93 2.94
C TYR C 124 -25.82 -13.66 3.98
N ASP C 125 -26.22 -13.59 5.24
CA ASP C 125 -25.30 -13.26 6.33
C ASP C 125 -24.24 -14.33 6.50
N ALA C 126 -24.61 -15.58 6.25
CA ALA C 126 -23.67 -16.67 6.34
C ALA C 126 -22.68 -16.60 5.17
N ALA C 127 -23.19 -16.31 3.98
CA ALA C 127 -22.35 -16.15 2.80
C ALA C 127 -21.37 -15.01 3.00
N TRP C 128 -21.90 -13.87 3.44
CA TRP C 128 -21.12 -12.66 3.67
C TRP C 128 -19.91 -12.94 4.55
N ASN C 129 -20.11 -13.74 5.60
CA ASN C 129 -19.03 -14.00 6.55
C ASN C 129 -18.23 -15.25 6.23
N SER C 130 -18.62 -15.94 5.17
CA SER C 130 -18.02 -17.22 4.82
C SER C 130 -16.59 -17.12 4.31
N PHE C 131 -15.90 -18.25 4.37
CA PHE C 131 -14.54 -18.38 3.90
C PHE C 131 -14.46 -18.17 2.39
N VAL C 132 -15.44 -18.69 1.66
CA VAL C 132 -15.45 -18.59 0.20
C VAL C 132 -15.52 -17.13 -0.27
N VAL C 133 -16.37 -16.36 0.36
CA VAL C 133 -16.56 -14.96 -0.02
C VAL C 133 -15.36 -14.12 0.35
N LYS C 134 -14.74 -14.41 1.50
CA LYS C 134 -13.54 -13.70 1.90
C LYS C 134 -12.45 -13.91 0.87
N SER C 135 -12.43 -15.11 0.30
CA SER C 135 -11.43 -15.49 -0.68
C SER C 135 -11.76 -14.88 -2.04
N LEU C 136 -13.05 -14.79 -2.36
CA LEU C 136 -13.50 -14.20 -3.62
C LEU C 136 -13.23 -12.70 -3.65
N VAL C 137 -13.34 -12.06 -2.49
CA VAL C 137 -13.03 -10.65 -2.36
C VAL C 137 -11.58 -10.41 -2.77
N ALA C 138 -10.68 -11.22 -2.19
CA ALA C 138 -9.25 -11.10 -2.45
C ALA C 138 -8.91 -11.40 -3.92
N GLN C 139 -9.64 -12.35 -4.48
CA GLN C 139 -9.46 -12.77 -5.86
C GLN C 139 -9.77 -11.64 -6.84
N GLN C 140 -10.87 -10.93 -6.61
CA GLN C 140 -11.26 -9.81 -7.46
C GLN C 140 -10.27 -8.68 -7.37
N GLU C 141 -9.83 -8.40 -6.15
CA GLU C 141 -8.94 -7.27 -5.91
C GLU C 141 -7.58 -7.56 -6.55
N LYS C 142 -7.12 -8.80 -6.42
CA LYS C 142 -5.81 -9.18 -6.95
C LYS C 142 -5.84 -9.16 -8.49
N ALA C 143 -6.94 -9.67 -9.05
CA ALA C 143 -7.10 -9.74 -10.49
C ALA C 143 -7.01 -8.36 -11.13
N ALA C 144 -7.63 -7.37 -10.49
CA ALA C 144 -7.57 -5.99 -10.97
C ALA C 144 -6.13 -5.50 -11.00
N ALA C 145 -5.39 -5.75 -9.92
CA ALA C 145 -3.99 -5.38 -9.85
C ALA C 145 -3.17 -6.07 -10.95
N ASP C 146 -3.42 -7.36 -11.16
CA ASP C 146 -2.62 -8.14 -12.09
C ASP C 146 -2.72 -7.67 -13.54
N VAL C 147 -3.87 -7.18 -13.95
CA VAL C 147 -4.01 -6.66 -15.32
C VAL C 147 -3.76 -5.17 -15.36
N GLN C 148 -3.47 -4.60 -14.21
CA GLN C 148 -3.29 -3.17 -14.05
C GLN C 148 -4.51 -2.43 -14.59
N LEU C 149 -5.66 -2.75 -14.03
CA LEU C 149 -6.93 -2.19 -14.44
C LEU C 149 -6.91 -0.67 -14.40
N ARG C 150 -7.36 -0.05 -15.48
CA ARG C 150 -7.35 1.39 -15.60
C ARG C 150 -8.76 1.97 -15.42
N GLY C 151 -9.75 1.16 -15.73
CA GLY C 151 -11.12 1.61 -15.70
C GLY C 151 -12.13 0.53 -16.05
N VAL C 152 -13.40 0.83 -15.86
CA VAL C 152 -14.47 -0.12 -16.13
C VAL C 152 -15.46 0.54 -17.05
N PRO C 153 -16.19 -0.25 -17.86
CA PRO C 153 -16.09 -1.71 -17.97
C PRO C 153 -14.91 -2.12 -18.85
N ALA C 154 -14.41 -3.34 -18.62
CA ALA C 154 -13.29 -3.88 -19.39
C ALA C 154 -13.38 -5.40 -19.39
N MET C 155 -12.80 -6.04 -20.41
CA MET C 155 -12.80 -7.50 -20.48
C MET C 155 -11.42 -8.04 -20.86
N PHE C 156 -11.11 -9.21 -20.32
CA PHE C 156 -9.80 -9.82 -20.52
C PHE C 156 -9.90 -11.30 -20.80
N VAL C 157 -9.10 -11.79 -21.75
CA VAL C 157 -9.10 -13.21 -22.06
C VAL C 157 -7.78 -13.86 -21.69
N ASN C 158 -7.86 -14.92 -20.88
CA ASN C 158 -6.72 -15.74 -20.47
C ASN C 158 -5.57 -14.95 -19.87
N GLY C 159 -5.89 -13.81 -19.27
CA GLY C 159 -4.88 -12.96 -18.69
C GLY C 159 -3.91 -12.38 -19.71
N LYS C 160 -4.19 -12.56 -21.01
CA LYS C 160 -3.27 -12.14 -22.07
C LYS C 160 -3.83 -11.04 -22.97
N TYR C 161 -5.15 -11.02 -23.11
CA TYR C 161 -5.77 -10.15 -24.10
C TYR C 161 -6.81 -9.19 -23.53
N GLN C 162 -6.67 -7.91 -23.83
CA GLN C 162 -7.67 -6.91 -23.42
C GLN C 162 -8.55 -6.53 -24.58
N LEU C 163 -9.86 -6.63 -24.39
CA LEU C 163 -10.80 -6.28 -25.44
C LEU C 163 -10.70 -4.80 -25.76
N ASN C 164 -10.83 -4.47 -27.04
CA ASN C 164 -10.71 -3.10 -27.51
C ASN C 164 -11.85 -2.73 -28.43
N PRO C 165 -13.00 -2.35 -27.84
CA PRO C 165 -14.23 -2.01 -28.58
C PRO C 165 -14.06 -0.81 -29.52
N GLN C 166 -13.12 0.08 -29.23
CA GLN C 166 -12.91 1.25 -30.08
C GLN C 166 -12.42 0.85 -31.47
N GLY C 167 -11.87 -0.36 -31.57
CA GLY C 167 -11.39 -0.88 -32.83
C GLY C 167 -12.37 -1.82 -33.53
N MET C 168 -13.60 -1.86 -33.05
CA MET C 168 -14.61 -2.72 -33.65
C MET C 168 -15.53 -1.96 -34.59
N ASP C 169 -16.26 -2.71 -35.40
CA ASP C 169 -17.19 -2.14 -36.38
C ASP C 169 -18.45 -1.62 -35.69
N THR C 170 -18.73 -0.34 -35.93
CA THR C 170 -19.87 0.33 -35.31
C THR C 170 -20.83 0.89 -36.35
N SER C 171 -20.89 0.28 -37.53
CA SER C 171 -21.82 0.73 -38.56
C SER C 171 -23.22 0.79 -37.99
N ASN C 172 -23.59 -0.24 -37.24
CA ASN C 172 -24.79 -0.20 -36.42
C ASN C 172 -24.44 -0.96 -35.13
N MET C 173 -25.15 -0.68 -34.05
CA MET C 173 -24.80 -1.24 -32.75
C MET C 173 -25.01 -2.75 -32.60
N ASP C 174 -25.97 -3.33 -33.32
CA ASP C 174 -26.15 -4.78 -33.30
C ASP C 174 -24.91 -5.48 -33.84
N VAL C 175 -24.36 -4.92 -34.91
CA VAL C 175 -23.13 -5.40 -35.48
C VAL C 175 -21.98 -5.28 -34.48
N PHE C 176 -21.97 -4.17 -33.75
CA PHE C 176 -20.91 -3.89 -32.79
C PHE C 176 -20.87 -4.93 -31.67
N VAL C 177 -22.04 -5.22 -31.10
CA VAL C 177 -22.14 -6.20 -30.02
C VAL C 177 -21.69 -7.59 -30.48
N GLN C 178 -22.09 -7.98 -31.69
CA GLN C 178 -21.72 -9.31 -32.18
C GLN C 178 -20.25 -9.42 -32.54
N GLN C 179 -19.65 -8.32 -32.95
CA GLN C 179 -18.22 -8.35 -33.21
C GLN C 179 -17.48 -8.44 -31.89
N TYR C 180 -18.04 -7.83 -30.86
CA TYR C 180 -17.46 -7.92 -29.52
C TYR C 180 -17.48 -9.36 -29.05
N ALA C 181 -18.66 -9.99 -29.14
CA ALA C 181 -18.82 -11.38 -28.74
C ALA C 181 -17.91 -12.30 -29.56
N ASP C 182 -17.87 -12.06 -30.86
CA ASP C 182 -17.08 -12.89 -31.77
C ASP C 182 -15.59 -12.80 -31.48
N THR C 183 -15.13 -11.63 -31.08
CA THR C 183 -13.72 -11.44 -30.74
C THR C 183 -13.36 -12.22 -29.48
N VAL C 184 -14.23 -12.17 -28.49
CA VAL C 184 -14.02 -12.92 -27.26
C VAL C 184 -13.94 -14.41 -27.56
N LYS C 185 -14.88 -14.89 -28.36
CA LYS C 185 -14.90 -16.29 -28.76
C LYS C 185 -13.61 -16.66 -29.47
N TYR C 186 -13.16 -15.78 -30.35
CA TYR C 186 -11.92 -16.00 -31.09
C TYR C 186 -10.74 -16.09 -30.15
N LEU C 187 -10.68 -15.15 -29.21
CA LEU C 187 -9.57 -15.09 -28.27
C LEU C 187 -9.56 -16.27 -27.29
N SER C 188 -10.74 -16.79 -26.96
CA SER C 188 -10.83 -17.84 -25.95
C SER C 188 -10.29 -19.17 -26.47
N GLU C 189 -10.28 -19.34 -27.79
CA GLU C 189 -9.76 -20.54 -28.42
C GLU C 189 -8.36 -20.31 -28.98
N LYS C 190 -7.78 -19.18 -28.63
CA LYS C 190 -6.47 -18.80 -29.17
C LYS C 190 -5.32 -19.21 -28.25
N ALA D 3 12.48 35.13 -17.27
CA ALA D 3 13.80 34.83 -16.72
C ALA D 3 13.88 33.40 -16.19
N GLN D 4 13.29 33.19 -15.02
CA GLN D 4 13.29 31.88 -14.38
C GLN D 4 11.94 31.19 -14.62
N TYR D 5 10.97 31.95 -15.12
CA TYR D 5 9.65 31.40 -15.40
C TYR D 5 9.41 31.27 -16.90
N GLU D 6 9.31 30.01 -17.34
CA GLU D 6 9.19 29.71 -18.76
C GLU D 6 7.86 29.01 -19.07
N ASP D 7 7.27 29.34 -20.22
CA ASP D 7 6.08 28.65 -20.69
C ASP D 7 6.35 27.16 -20.81
N GLY D 8 5.42 26.33 -20.34
CA GLY D 8 5.60 24.89 -20.39
C GLY D 8 6.32 24.31 -19.18
N LYS D 9 6.74 25.17 -18.25
CA LYS D 9 7.42 24.68 -17.06
C LYS D 9 6.62 24.91 -15.79
N GLN D 10 6.73 26.11 -15.20
CA GLN D 10 5.97 26.42 -14.00
C GLN D 10 4.50 26.68 -14.33
N TYR D 11 4.20 26.90 -15.60
CA TYR D 11 2.82 27.14 -16.02
C TYR D 11 2.61 26.77 -17.49
N THR D 12 1.36 26.69 -17.91
CA THR D 12 1.07 26.54 -19.33
C THR D 12 0.13 27.66 -19.76
N THR D 13 0.05 27.87 -21.07
CA THR D 13 -0.74 28.97 -21.63
C THR D 13 -1.95 28.47 -22.43
N LEU D 14 -3.15 28.90 -22.01
CA LEU D 14 -4.38 28.49 -22.71
C LEU D 14 -4.36 29.02 -24.14
N GLU D 15 -4.81 28.19 -25.09
CA GLU D 15 -4.73 28.57 -26.50
C GLU D 15 -5.75 29.65 -26.83
N LYS D 16 -6.93 29.57 -26.23
CA LYS D 16 -7.91 30.66 -26.30
C LYS D 16 -8.25 31.11 -24.88
N PRO D 17 -7.66 32.23 -24.45
CA PRO D 17 -7.88 32.77 -23.11
C PRO D 17 -9.36 33.03 -22.83
N VAL D 18 -9.71 33.08 -21.56
CA VAL D 18 -11.08 33.21 -21.11
C VAL D 18 -11.33 34.65 -20.70
N ALA D 19 -12.28 35.30 -21.38
CA ALA D 19 -12.60 36.69 -21.06
C ALA D 19 -13.47 36.78 -19.81
N GLY D 20 -13.20 37.80 -18.99
CA GLY D 20 -14.03 38.05 -17.83
C GLY D 20 -13.74 37.10 -16.69
N ALA D 21 -12.65 36.35 -16.81
CA ALA D 21 -12.27 35.41 -15.76
C ALA D 21 -11.69 36.16 -14.58
N PRO D 22 -11.79 35.58 -13.37
CA PRO D 22 -11.11 36.14 -12.20
C PRO D 22 -9.60 36.14 -12.41
N GLN D 23 -8.92 37.08 -11.77
CA GLN D 23 -7.48 37.21 -11.92
C GLN D 23 -6.72 35.94 -11.45
N VAL D 24 -7.02 35.48 -10.24
CA VAL D 24 -6.43 34.24 -9.72
C VAL D 24 -7.55 33.28 -9.33
N LEU D 25 -7.68 32.19 -10.08
CA LEU D 25 -8.82 31.29 -9.90
C LEU D 25 -8.41 29.86 -9.62
N GLU D 26 -8.93 29.33 -8.53
CA GLU D 26 -8.68 27.95 -8.14
C GLU D 26 -9.95 27.11 -8.24
N PHE D 27 -9.82 25.89 -8.77
CA PHE D 27 -10.92 24.93 -8.75
C PHE D 27 -10.62 23.82 -7.76
N PHE D 28 -11.65 23.36 -7.05
CA PHE D 28 -11.48 22.28 -6.10
C PHE D 28 -12.81 21.59 -5.83
N SER D 29 -12.73 20.44 -5.17
CA SER D 29 -13.91 19.73 -4.71
C SER D 29 -13.72 19.32 -3.25
N PHE D 30 -14.78 19.35 -2.46
CA PHE D 30 -14.66 18.92 -1.08
C PHE D 30 -14.55 17.39 -1.01
N PHE D 31 -14.82 16.72 -2.12
CA PHE D 31 -14.68 15.27 -2.21
C PHE D 31 -13.27 14.79 -2.57
N CYS D 32 -12.43 15.70 -3.07
CA CYS D 32 -11.12 15.32 -3.56
C CYS D 32 -10.05 15.37 -2.48
N PRO D 33 -9.40 14.21 -2.21
CA PRO D 33 -8.31 14.15 -1.23
C PRO D 33 -7.16 15.09 -1.58
N HIS D 34 -6.88 15.22 -2.87
CA HIS D 34 -5.77 16.05 -3.33
C HIS D 34 -6.03 17.53 -3.11
N ALA D 35 -7.30 17.93 -3.27
CA ALA D 35 -7.70 19.30 -2.98
C ALA D 35 -7.52 19.54 -1.48
N TYR D 36 -7.87 18.55 -0.69
CA TYR D 36 -7.68 18.58 0.75
C TYR D 36 -6.19 18.76 1.09
N GLN D 37 -5.32 18.00 0.41
CA GLN D 37 -3.87 18.16 0.55
C GLN D 37 -3.45 19.57 0.22
N PHE D 38 -3.90 20.00 -0.97
CA PHE D 38 -3.63 21.31 -1.52
C PHE D 38 -3.95 22.41 -0.53
N GLU D 39 -5.09 22.26 0.12
CA GLU D 39 -5.68 23.32 0.91
C GLU D 39 -5.24 23.27 2.37
N GLU D 40 -5.19 22.08 2.94
CA GLU D 40 -4.96 21.95 4.38
C GLU D 40 -3.61 21.37 4.77
N VAL D 41 -2.92 20.72 3.85
CA VAL D 41 -1.62 20.15 4.18
C VAL D 41 -0.50 21.03 3.66
N LEU D 42 -0.55 21.34 2.37
CA LEU D 42 0.45 22.19 1.74
C LEU D 42 0.10 23.67 1.85
N HIS D 43 -1.18 23.95 2.07
CA HIS D 43 -1.69 25.32 2.17
C HIS D 43 -1.26 26.20 0.99
N ILE D 44 -1.37 25.66 -0.21
CA ILE D 44 -0.92 26.37 -1.40
C ILE D 44 -1.70 27.67 -1.63
N SER D 45 -3.03 27.61 -1.49
CA SER D 45 -3.89 28.78 -1.64
C SER D 45 -3.48 29.92 -0.71
N ASP D 46 -3.28 29.57 0.55
CA ASP D 46 -3.00 30.56 1.58
C ASP D 46 -1.68 31.25 1.34
N ASN D 47 -0.71 30.52 0.82
CA ASN D 47 0.59 31.09 0.52
C ASN D 47 0.59 31.90 -0.77
N VAL D 48 -0.20 31.45 -1.75
CA VAL D 48 -0.40 32.22 -2.97
C VAL D 48 -0.99 33.58 -2.57
N LYS D 49 -1.99 33.50 -1.70
CA LYS D 49 -2.69 34.66 -1.16
C LYS D 49 -1.74 35.69 -0.51
N LYS D 50 -0.82 35.19 0.31
CA LYS D 50 0.13 36.06 1.03
C LYS D 50 0.99 36.92 0.12
N LYS D 51 1.17 36.48 -1.12
CA LYS D 51 2.04 37.18 -2.04
C LYS D 51 1.28 37.86 -3.18
N LEU D 52 -0.04 37.81 -3.12
CA LEU D 52 -0.86 38.46 -4.13
C LEU D 52 -0.83 39.97 -3.92
N PRO D 53 -0.76 40.74 -5.01
CA PRO D 53 -0.82 42.20 -4.90
C PRO D 53 -2.11 42.66 -4.23
N GLU D 54 -2.12 43.90 -3.74
CA GLU D 54 -3.35 44.45 -3.19
C GLU D 54 -4.40 44.51 -4.31
N GLY D 55 -5.62 44.14 -3.99
CA GLY D 55 -6.71 44.22 -4.94
C GLY D 55 -6.79 43.01 -5.85
N VAL D 56 -5.88 42.06 -5.64
CA VAL D 56 -5.91 40.80 -6.37
C VAL D 56 -6.35 39.71 -5.38
N LYS D 57 -7.54 39.17 -5.62
CA LYS D 57 -8.12 38.18 -4.71
C LYS D 57 -7.78 36.74 -5.10
N MET D 58 -7.74 35.86 -4.11
CA MET D 58 -7.61 34.44 -4.37
C MET D 58 -9.02 33.88 -4.51
N THR D 59 -9.46 33.73 -5.75
CA THR D 59 -10.82 33.26 -5.99
C THR D 59 -10.84 31.76 -6.07
N LYS D 60 -11.77 31.15 -5.35
CA LYS D 60 -11.86 29.72 -5.29
C LYS D 60 -13.25 29.23 -5.71
N TYR D 61 -13.28 28.36 -6.73
CA TYR D 61 -14.54 27.79 -7.19
C TYR D 61 -14.60 26.29 -6.94
N HIS D 62 -15.76 25.84 -6.51
CA HIS D 62 -16.03 24.43 -6.29
C HIS D 62 -16.58 23.81 -7.58
N VAL D 63 -16.46 22.49 -7.73
CA VAL D 63 -16.91 21.81 -8.94
C VAL D 63 -17.92 20.71 -8.68
N ASN D 64 -18.70 20.37 -9.70
CA ASN D 64 -19.79 19.41 -9.58
C ASN D 64 -19.39 17.97 -9.81
N PHE D 65 -18.35 17.72 -10.59
CA PHE D 65 -18.19 16.40 -11.18
C PHE D 65 -17.92 15.26 -10.17
N MET D 66 -17.59 15.59 -8.93
CA MET D 66 -17.51 14.55 -7.89
C MET D 66 -18.67 14.63 -6.88
N GLY D 67 -19.17 13.48 -6.47
CA GLY D 67 -20.10 13.40 -5.36
C GLY D 67 -21.57 13.43 -5.69
N GLY D 68 -21.92 13.26 -6.96
CA GLY D 68 -23.30 13.24 -7.40
C GLY D 68 -24.07 14.48 -6.98
N ASP D 69 -25.31 14.28 -6.52
CA ASP D 69 -26.16 15.37 -6.11
C ASP D 69 -25.56 16.14 -4.92
N LEU D 70 -24.77 15.46 -4.10
CA LEU D 70 -24.12 16.12 -2.98
C LEU D 70 -23.06 17.10 -3.47
N GLY D 71 -22.39 16.74 -4.57
CA GLY D 71 -21.40 17.61 -5.18
C GLY D 71 -22.03 18.93 -5.63
N LYS D 72 -23.21 18.84 -6.26
CA LYS D 72 -23.96 20.02 -6.67
C LYS D 72 -24.40 20.86 -5.47
N ASP D 73 -24.76 20.19 -4.38
CA ASP D 73 -25.17 20.88 -3.15
C ASP D 73 -23.98 21.61 -2.52
N LEU D 74 -22.78 21.04 -2.66
CA LEU D 74 -21.60 21.66 -2.09
C LEU D 74 -21.17 22.89 -2.89
N THR D 75 -21.43 22.83 -4.19
CA THR D 75 -21.14 23.97 -5.04
C THR D 75 -22.07 25.11 -4.63
N GLN D 76 -23.33 24.80 -4.37
CA GLN D 76 -24.26 25.83 -3.93
C GLN D 76 -23.91 26.34 -2.53
N ALA D 77 -23.50 25.42 -1.66
CA ALA D 77 -23.08 25.79 -0.31
C ALA D 77 -21.84 26.67 -0.36
N TRP D 78 -20.93 26.35 -1.27
CA TRP D 78 -19.73 27.15 -1.44
C TRP D 78 -20.08 28.55 -1.95
N ALA D 79 -21.10 28.63 -2.79
CA ALA D 79 -21.61 29.91 -3.25
C ALA D 79 -22.05 30.74 -2.06
N VAL D 80 -22.72 30.08 -1.11
CA VAL D 80 -23.15 30.72 0.13
C VAL D 80 -21.96 31.27 0.92
N ALA D 81 -20.93 30.44 1.09
CA ALA D 81 -19.73 30.85 1.81
C ALA D 81 -19.07 32.06 1.15
N MET D 82 -19.06 32.08 -0.17
CA MET D 82 -18.51 33.21 -0.92
C MET D 82 -19.33 34.47 -0.67
N ALA D 83 -20.65 34.35 -0.78
CA ALA D 83 -21.55 35.48 -0.60
C ALA D 83 -21.45 36.04 0.80
N LEU D 84 -21.36 35.16 1.79
CA LEU D 84 -21.30 35.60 3.19
C LEU D 84 -19.89 35.95 3.64
N GLY D 85 -18.89 35.55 2.83
CA GLY D 85 -17.51 35.78 3.16
C GLY D 85 -17.07 34.97 4.37
N VAL D 86 -17.54 33.74 4.45
CA VAL D 86 -17.22 32.87 5.58
C VAL D 86 -16.39 31.65 5.15
N GLU D 87 -15.67 31.78 4.04
CA GLU D 87 -14.81 30.71 3.51
C GLU D 87 -13.87 30.11 4.54
N ASP D 88 -13.19 30.97 5.29
CA ASP D 88 -12.18 30.52 6.24
C ASP D 88 -12.80 29.87 7.49
N LYS D 89 -14.10 30.02 7.66
CA LYS D 89 -14.77 29.39 8.79
C LYS D 89 -15.39 28.05 8.44
N VAL D 90 -15.54 27.75 7.15
CA VAL D 90 -16.24 26.54 6.75
C VAL D 90 -15.38 25.58 5.94
N THR D 91 -14.29 26.06 5.38
CA THR D 91 -13.46 25.22 4.52
C THR D 91 -13.01 23.93 5.22
N VAL D 92 -12.35 24.07 6.37
CA VAL D 92 -11.89 22.90 7.10
C VAL D 92 -13.05 22.00 7.55
N PRO D 93 -14.09 22.56 8.21
CA PRO D 93 -15.14 21.63 8.63
C PRO D 93 -15.92 20.99 7.47
N LEU D 94 -15.84 21.56 6.28
CA LEU D 94 -16.48 20.93 5.14
C LEU D 94 -15.59 19.78 4.65
N PHE D 95 -14.29 20.02 4.62
CA PHE D 95 -13.36 18.98 4.22
C PHE D 95 -13.40 17.81 5.20
N GLU D 96 -13.38 18.12 6.48
CA GLU D 96 -13.39 17.08 7.50
C GLU D 96 -14.74 16.37 7.54
N GLY D 97 -15.82 17.11 7.32
CA GLY D 97 -17.14 16.51 7.34
C GLY D 97 -17.39 15.53 6.21
N VAL D 98 -16.75 15.76 5.07
CA VAL D 98 -16.98 14.90 3.90
C VAL D 98 -16.02 13.70 3.89
N GLN D 99 -14.74 13.97 4.14
CA GLN D 99 -13.72 12.95 3.95
C GLN D 99 -13.20 12.32 5.25
N LYS D 100 -13.20 13.09 6.34
CA LYS D 100 -12.64 12.59 7.59
C LYS D 100 -13.69 11.83 8.41
N THR D 101 -14.72 12.53 8.85
CA THR D 101 -15.76 11.88 9.66
C THR D 101 -16.88 11.33 8.78
N GLN D 102 -16.94 11.79 7.54
CA GLN D 102 -17.99 11.39 6.59
C GLN D 102 -19.38 11.55 7.18
N THR D 103 -19.59 12.69 7.85
CA THR D 103 -20.86 13.01 8.46
C THR D 103 -21.66 13.98 7.60
N ILE D 104 -21.10 14.35 6.46
CA ILE D 104 -21.83 15.12 5.47
C ILE D 104 -22.35 14.19 4.39
N ARG D 105 -23.63 13.83 4.50
CA ARG D 105 -24.26 12.89 3.56
C ARG D 105 -25.49 13.50 2.90
N SER D 106 -25.83 14.72 3.29
CA SER D 106 -27.01 15.39 2.76
C SER D 106 -26.87 16.90 2.86
N ALA D 107 -27.73 17.62 2.16
CA ALA D 107 -27.71 19.07 2.19
C ALA D 107 -27.86 19.55 3.63
N SER D 108 -28.66 18.84 4.39
CA SER D 108 -28.92 19.19 5.78
C SER D 108 -27.63 19.16 6.61
N ASP D 109 -26.79 18.17 6.32
CA ASP D 109 -25.54 18.01 7.02
C ASP D 109 -24.60 19.18 6.71
N ILE D 110 -24.66 19.66 5.48
CA ILE D 110 -23.87 20.84 5.11
C ILE D 110 -24.33 22.04 5.90
N ARG D 111 -25.64 22.26 5.91
CA ARG D 111 -26.24 23.35 6.66
C ARG D 111 -25.79 23.31 8.12
N ASP D 112 -25.77 22.12 8.71
CA ASP D 112 -25.34 21.95 10.10
C ASP D 112 -23.94 22.53 10.30
N VAL D 113 -23.06 22.35 9.32
CA VAL D 113 -21.69 22.85 9.40
C VAL D 113 -21.66 24.38 9.52
N PHE D 114 -22.44 25.04 8.67
CA PHE D 114 -22.48 26.50 8.67
C PHE D 114 -23.05 27.00 9.99
N ILE D 115 -24.07 26.31 10.48
CA ILE D 115 -24.70 26.67 11.75
C ILE D 115 -23.71 26.55 12.89
N ASN D 116 -22.93 25.46 12.90
CA ASN D 116 -21.94 25.27 13.93
C ASN D 116 -20.76 26.21 13.78
N ALA D 117 -20.64 26.81 12.60
CA ALA D 117 -19.54 27.71 12.33
C ALA D 117 -19.88 29.15 12.69
N GLY D 118 -21.13 29.38 13.07
CA GLY D 118 -21.56 30.70 13.50
C GLY D 118 -22.60 31.36 12.60
N ILE D 119 -22.86 30.74 11.45
CA ILE D 119 -23.88 31.28 10.55
C ILE D 119 -25.25 30.72 10.92
N LYS D 120 -26.16 31.59 11.37
CA LYS D 120 -27.47 31.13 11.80
C LYS D 120 -28.27 30.54 10.63
N GLY D 121 -29.10 29.55 10.93
CA GLY D 121 -29.90 28.87 9.92
C GLY D 121 -30.74 29.78 9.02
N GLU D 122 -31.33 30.83 9.58
CA GLU D 122 -32.15 31.74 8.78
C GLU D 122 -31.28 32.46 7.76
N GLU D 123 -30.09 32.84 8.19
CA GLU D 123 -29.14 33.53 7.34
C GLU D 123 -28.67 32.63 6.21
N TYR D 124 -28.33 31.39 6.57
CA TYR D 124 -27.89 30.40 5.61
C TYR D 124 -28.97 30.16 4.57
N ASP D 125 -30.21 29.98 5.04
CA ASP D 125 -31.33 29.65 4.18
C ASP D 125 -31.69 30.77 3.21
N ALA D 126 -31.50 32.01 3.65
CA ALA D 126 -31.76 33.15 2.80
C ALA D 126 -30.66 33.24 1.73
N ALA D 127 -29.43 33.02 2.16
CA ALA D 127 -28.30 33.01 1.25
C ALA D 127 -28.47 31.92 0.21
N TRP D 128 -28.82 30.73 0.67
CA TRP D 128 -29.03 29.58 -0.20
C TRP D 128 -29.98 29.88 -1.35
N ASN D 129 -31.06 30.60 -1.05
CA ASN D 129 -32.09 30.88 -2.04
C ASN D 129 -31.92 32.22 -2.73
N SER D 130 -30.87 32.94 -2.35
CA SER D 130 -30.65 34.31 -2.84
C SER D 130 -30.23 34.36 -4.30
N PHE D 131 -30.42 35.53 -4.89
CA PHE D 131 -30.06 35.79 -6.27
C PHE D 131 -28.55 35.69 -6.53
N VAL D 132 -27.77 36.22 -5.60
CA VAL D 132 -26.31 36.23 -5.75
C VAL D 132 -25.74 34.80 -5.74
N VAL D 133 -26.28 33.94 -4.89
CA VAL D 133 -25.80 32.56 -4.79
C VAL D 133 -26.18 31.77 -6.03
N LYS D 134 -27.39 32.01 -6.55
CA LYS D 134 -27.81 31.37 -7.79
C LYS D 134 -26.88 31.78 -8.93
N SER D 135 -26.43 33.02 -8.89
CA SER D 135 -25.56 33.57 -9.92
C SER D 135 -24.13 33.06 -9.77
N LEU D 136 -23.71 32.90 -8.51
CA LEU D 136 -22.37 32.39 -8.22
C LEU D 136 -22.24 30.93 -8.61
N VAL D 137 -23.34 30.18 -8.48
CA VAL D 137 -23.38 28.79 -8.92
C VAL D 137 -23.14 28.71 -10.42
N ALA D 138 -23.84 29.54 -11.17
CA ALA D 138 -23.72 29.58 -12.63
C ALA D 138 -22.33 30.04 -13.03
N GLN D 139 -21.78 30.94 -12.22
CA GLN D 139 -20.44 31.47 -12.42
C GLN D 139 -19.36 30.38 -12.29
N GLN D 140 -19.45 29.57 -11.24
CA GLN D 140 -18.47 28.51 -11.01
C GLN D 140 -18.53 27.47 -12.10
N GLU D 141 -19.74 27.15 -12.52
CA GLU D 141 -19.95 26.10 -13.52
C GLU D 141 -19.43 26.54 -14.87
N LYS D 142 -19.67 27.79 -15.20
CA LYS D 142 -19.25 28.32 -16.50
C LYS D 142 -17.73 28.43 -16.59
N ALA D 143 -17.11 28.90 -15.51
CA ALA D 143 -15.67 29.07 -15.45
C ALA D 143 -14.96 27.74 -15.67
N ALA D 144 -15.48 26.67 -15.07
CA ALA D 144 -14.92 25.34 -15.28
C ALA D 144 -14.99 24.93 -16.76
N ALA D 145 -16.15 25.17 -17.38
CA ALA D 145 -16.32 24.88 -18.79
C ALA D 145 -15.36 25.70 -19.65
N ASP D 146 -15.23 27.00 -19.33
CA ASP D 146 -14.42 27.93 -20.11
C ASP D 146 -12.93 27.58 -20.15
N VAL D 147 -12.40 27.00 -19.08
CA VAL D 147 -11.00 26.60 -19.07
C VAL D 147 -10.84 25.14 -19.47
N GLN D 148 -11.97 24.50 -19.75
CA GLN D 148 -12.03 23.07 -20.06
C GLN D 148 -11.34 22.30 -18.94
N LEU D 149 -11.83 22.53 -17.72
CA LEU D 149 -11.26 21.91 -16.53
C LEU D 149 -11.24 20.39 -16.65
N ARG D 150 -10.08 19.80 -16.37
CA ARG D 150 -9.93 18.35 -16.49
C ARG D 150 -9.85 17.70 -15.11
N GLY D 151 -9.53 18.50 -14.10
CA GLY D 151 -9.39 17.95 -12.77
C GLY D 151 -9.04 18.97 -11.71
N VAL D 152 -9.13 18.54 -10.45
CA VAL D 152 -8.85 19.41 -9.32
C VAL D 152 -7.84 18.72 -8.42
N PRO D 153 -7.03 19.51 -7.68
CA PRO D 153 -7.02 20.97 -7.67
C PRO D 153 -6.28 21.57 -8.87
N ALA D 154 -6.63 22.79 -9.25
CA ALA D 154 -6.02 23.48 -10.38
C ALA D 154 -6.10 24.97 -10.15
N MET D 155 -5.20 25.73 -10.77
CA MET D 155 -5.24 27.18 -10.65
C MET D 155 -5.00 27.88 -11.99
N PHE D 156 -5.65 29.01 -12.18
CA PHE D 156 -5.58 29.75 -13.43
C PHE D 156 -5.39 31.25 -13.18
N VAL D 157 -4.51 31.88 -13.94
CA VAL D 157 -4.28 33.30 -13.79
C VAL D 157 -4.77 34.08 -15.01
N ASN D 158 -5.64 35.05 -14.75
CA ASN D 158 -6.20 35.95 -15.79
C ASN D 158 -6.81 35.22 -17.00
N GLY D 159 -7.31 34.02 -16.77
CA GLY D 159 -7.91 33.22 -17.83
C GLY D 159 -6.96 32.82 -18.95
N LYS D 160 -5.66 33.06 -18.76
CA LYS D 160 -4.67 32.78 -19.80
C LYS D 160 -3.66 31.70 -19.39
N TYR D 161 -3.41 31.60 -18.10
CA TYR D 161 -2.32 30.76 -17.61
C TYR D 161 -2.76 29.70 -16.60
N GLN D 162 -2.38 28.45 -16.87
CA GLN D 162 -2.65 27.33 -15.97
C GLN D 162 -1.40 26.93 -15.20
N LEU D 163 -1.51 26.90 -13.88
CA LEU D 163 -0.38 26.55 -13.03
C LEU D 163 0.04 25.10 -13.26
N ASN D 164 1.34 24.86 -13.25
CA ASN D 164 1.89 23.54 -13.55
C ASN D 164 2.92 23.13 -12.50
N PRO D 165 2.44 22.64 -11.35
CA PRO D 165 3.34 22.28 -10.24
C PRO D 165 4.35 21.18 -10.59
N GLN D 166 4.07 20.31 -11.55
CA GLN D 166 5.03 19.27 -11.94
C GLN D 166 6.34 19.85 -12.51
N GLY D 167 6.29 21.09 -12.95
CA GLY D 167 7.47 21.76 -13.48
C GLY D 167 8.17 22.65 -12.48
N MET D 168 7.78 22.54 -11.21
CA MET D 168 8.38 23.36 -10.16
C MET D 168 9.43 22.61 -9.37
N ASP D 169 10.24 23.36 -8.63
CA ASP D 169 11.31 22.78 -7.82
C ASP D 169 10.74 22.11 -6.57
N THR D 170 11.10 20.84 -6.40
CA THR D 170 10.59 20.04 -5.28
C THR D 170 11.71 19.49 -4.41
N SER D 171 12.84 20.20 -4.39
CA SER D 171 13.97 19.82 -3.56
C SER D 171 13.51 19.64 -2.12
N ASN D 172 12.72 20.60 -1.64
CA ASN D 172 11.97 20.42 -0.38
C ASN D 172 10.61 21.09 -0.57
N MET D 173 9.62 20.66 0.18
CA MET D 173 8.24 21.08 -0.05
C MET D 173 8.04 22.57 0.27
N ASP D 174 8.81 23.10 1.20
CA ASP D 174 8.75 24.53 1.51
C ASP D 174 9.14 25.38 0.30
N VAL D 175 10.20 24.97 -0.39
CA VAL D 175 10.62 25.61 -1.62
C VAL D 175 9.53 25.49 -2.68
N PHE D 176 8.90 24.33 -2.74
CA PHE D 176 7.86 24.06 -3.73
C PHE D 176 6.67 25.01 -3.55
N VAL D 177 6.16 25.12 -2.33
CA VAL D 177 5.03 25.98 -2.08
C VAL D 177 5.36 27.44 -2.42
N GLN D 178 6.58 27.87 -2.10
CA GLN D 178 6.97 29.24 -2.35
C GLN D 178 7.20 29.52 -3.83
N GLN D 179 7.63 28.51 -4.58
CA GLN D 179 7.76 28.69 -6.03
C GLN D 179 6.38 28.78 -6.66
N TYR D 180 5.43 28.03 -6.12
CA TYR D 180 4.05 28.06 -6.60
C TYR D 180 3.49 29.46 -6.43
N ALA D 181 3.61 30.00 -5.22
CA ALA D 181 3.12 31.34 -4.92
C ALA D 181 3.83 32.37 -5.79
N ASP D 182 5.14 32.23 -5.93
CA ASP D 182 5.94 33.18 -6.69
C ASP D 182 5.52 33.18 -8.16
N THR D 183 5.16 32.01 -8.67
CA THR D 183 4.73 31.87 -10.06
C THR D 183 3.39 32.55 -10.29
N VAL D 184 2.47 32.39 -9.35
CA VAL D 184 1.18 33.05 -9.44
C VAL D 184 1.35 34.56 -9.45
N LYS D 185 2.19 35.06 -8.53
CA LYS D 185 2.47 36.47 -8.43
C LYS D 185 3.06 37.01 -9.73
N TYR D 186 4.00 36.25 -10.31
CA TYR D 186 4.62 36.62 -11.56
C TYR D 186 3.61 36.68 -12.69
N LEU D 187 2.78 35.66 -12.77
CA LEU D 187 1.78 35.59 -13.83
C LEU D 187 0.73 36.70 -13.70
N SER D 188 0.44 37.13 -12.47
CA SER D 188 -0.63 38.10 -12.25
C SER D 188 -0.22 39.51 -12.65
N GLU D 189 1.08 39.77 -12.67
CA GLU D 189 1.58 41.10 -13.04
C GLU D 189 2.05 41.09 -14.49
N LYS D 190 1.72 40.01 -15.19
CA LYS D 190 2.14 39.83 -16.58
C LYS D 190 1.02 40.31 -17.51
N LYS D 191 1.38 41.06 -18.54
CA LYS D 191 0.42 41.41 -19.59
C LYS D 191 1.03 41.13 -20.96
N PRO E 2 22.59 -33.88 26.08
CA PRO E 2 21.83 -33.21 25.02
C PRO E 2 21.25 -31.88 25.46
N PHE E 3 21.40 -31.55 26.73
CA PHE E 3 20.88 -30.30 27.29
C PHE E 3 22.03 -29.40 27.74
N ALA E 4 23.25 -29.88 27.56
CA ALA E 4 24.43 -29.14 27.98
C ALA E 4 24.61 -27.85 27.18
N THR E 5 25.27 -26.87 27.80
CA THR E 5 25.56 -25.59 27.14
C THR E 5 26.98 -25.09 27.40
N CYS E 6 27.49 -24.28 26.47
CA CYS E 6 28.68 -23.48 26.74
C CYS E 6 28.23 -22.13 27.25
N ASP E 7 28.58 -21.81 28.49
CA ASP E 7 28.09 -20.62 29.14
C ASP E 7 29.13 -19.51 29.12
N SER E 8 28.68 -18.26 29.11
CA SER E 8 29.60 -17.14 29.07
C SER E 8 30.13 -16.86 30.46
N PRO F 2 -4.68 14.27 4.78
CA PRO F 2 -3.48 13.73 5.43
C PRO F 2 -3.64 12.28 5.90
N PHE F 3 -4.85 11.74 5.78
CA PHE F 3 -5.15 10.37 6.19
C PHE F 3 -5.58 9.49 5.03
N ALA F 4 -5.61 10.08 3.84
CA ALA F 4 -6.08 9.36 2.65
C ALA F 4 -5.12 8.22 2.27
N THR F 5 -5.66 7.21 1.60
CA THR F 5 -4.88 6.05 1.15
C THR F 5 -5.24 5.61 -0.26
N CYS F 6 -4.31 4.92 -0.90
CA CYS F 6 -4.64 4.18 -2.11
C CYS F 6 -4.99 2.77 -1.68
N ASP F 7 -6.24 2.37 -1.92
CA ASP F 7 -6.74 1.09 -1.45
C ASP F 7 -6.75 0.10 -2.59
N SER F 8 -6.60 -1.19 -2.28
CA SER F 8 -6.59 -2.21 -3.32
C SER F 8 -8.01 -2.58 -3.73
N PRO G 2 1.15 16.44 -4.39
CA PRO G 2 1.06 17.83 -4.86
C PRO G 2 0.91 17.95 -6.38
N PHE G 3 0.98 16.84 -7.10
CA PHE G 3 0.75 16.91 -8.54
C PHE G 3 -0.45 16.06 -8.91
N ALA G 4 -0.93 15.28 -7.94
CA ALA G 4 -2.04 14.39 -8.17
C ALA G 4 -3.34 15.19 -8.29
N THR G 5 -4.28 14.68 -9.08
CA THR G 5 -5.58 15.32 -9.22
C THR G 5 -6.71 14.30 -9.26
N CYS G 6 -7.91 14.75 -8.90
CA CYS G 6 -9.12 14.01 -9.17
C CYS G 6 -9.64 14.48 -10.52
N ASP G 7 -9.73 13.57 -11.47
CA ASP G 7 -10.06 13.95 -12.84
C ASP G 7 -11.51 13.66 -13.17
N SER G 8 -12.08 14.49 -14.03
CA SER G 8 -13.46 14.30 -14.46
C SER G 8 -13.52 13.30 -15.61
N PRO H 2 -20.57 3.44 -25.71
CA PRO H 2 -19.98 2.09 -25.65
C PRO H 2 -18.44 2.05 -25.53
N PHE H 3 -17.76 3.21 -25.56
CA PHE H 3 -16.31 3.19 -25.41
C PHE H 3 -15.87 3.96 -24.17
N ALA H 4 -16.81 4.62 -23.51
CA ALA H 4 -16.48 5.38 -22.32
C ALA H 4 -16.19 4.42 -21.17
N THR H 5 -15.35 4.87 -20.23
CA THR H 5 -15.04 4.07 -19.07
C THR H 5 -15.05 4.98 -17.84
N CYS H 6 -15.28 4.38 -16.68
CA CYS H 6 -15.00 5.06 -15.43
C CYS H 6 -13.59 4.69 -15.04
N ASP H 7 -12.72 5.68 -14.96
CA ASP H 7 -11.30 5.42 -14.75
C ASP H 7 -10.93 5.66 -13.30
N SER H 8 -9.96 4.89 -12.80
CA SER H 8 -9.50 5.06 -11.43
C SER H 8 -8.50 6.21 -11.37
#